data_9GBC
#
_entry.id   9GBC
#
_cell.length_a   1.00
_cell.length_b   1.00
_cell.length_c   1.00
_cell.angle_alpha   90.00
_cell.angle_beta   90.00
_cell.angle_gamma   90.00
#
_symmetry.space_group_name_H-M   'P 1'
#
loop_
_entity.id
_entity.type
_entity.pdbx_description
1 polymer 'TonB-linked outer membrane receptor'
2 polymer 'DUF4374 domain-containing protein'
3 water water
#
loop_
_entity_poly.entity_id
_entity_poly.type
_entity_poly.pdbx_seq_one_letter_code
_entity_poly.pdbx_strand_id
1 'polypeptide(L)'
;MINKSFLVFLAFLFSVSAFSQHGRSGGMISGRVISTVEKEVVDFATVYLKGTNRGATTDEKGLYHLKAAAGDYTLVVSAI
GYTTVEKKVTLKAGERIRVNVTIAPQVTELNEVVVSTSAVSRVNKSAFNAVAIDAKGLHNSTQNLSDALAKVPGLKLREA
GGVGSDMILSLDGFSGKHVKLFIDGVPQEGVGSSFGLNNIPINFADRIEVYRGVVPVGFGTDALGGVINIVTNKNRKNWF
LDASYSYGSFNTHKSYVNFGQTFKNGLTYEINAFQNYSDNSYYVDTPVEEFYEGGGSAINTDKVEHVKRFHDNYHNEAVV
GKVGLVDKKWADRLMIGLTYSRMYKEIQTGVVQKVVFGEKYRKGNSLMPSLEYRKRNLFVRNLDVAFTANYNRNFTNNVD
TATYRFNWLGEKTSLKGRKGEQSYQDMKSDNDNWNATFTANYHIGTAHTFVLNHVLNTFHRENHNSVSVDESNAIAKVTR
KNITGFSYRLMPSEHWNLSVFGKYYNQYNAGPVSASTSGTSNYVRLTNNVSSVGYGAAGTYFILSGLQAKLSYEKAYRLP
TNEELFGDEDLELGKIGLNPEKSDNLNFNLSYNRQLGKHGLYVETGLIYRNTSDYIYRSIETTSNRSYGSYSNYGSVETK
GYHISARYNYSCWVSIGGNFTQMDVRDNVEKTQTGQESLTYGARMPNLPYRFANSDISFFWRNLWKKGNTLTVTYDNMYV
HGFPLYSEALGAVETKDIVPTQFSHNLGITYSLKNGRYNVSFECKNFTDEKLYDNFSLQKAGRAFYGKVRVYFGGN
;
A
2 'polypeptide(L)'
;MKKNFLMWSFAMALLTGTLCTSCDETEGAVAPEETQSVQKGIAITYLHVTDQIMKNRDVIRGENFLGNGEYVTFAGILEA
NNKIYTAPIPMGLSVYGSAFEDGKWVKYPELVKTEDGGSNSSSYEKGELQWTQYPNEAWVAIYNDENFNNPTLIRTDKIS
YACGRMRSQYYQTIWAADNGDVYVFSPSYAKIMDADVQKTNLPAGVVRIKAGATDFDSYYCNLEELSGGKSFLRCWHITG
DYFLLQMYTGEINSRGTGATRMAVFKATGNGDKGELYYVDGLPEPDRISSFSGTPFCENGVAYVGVIPITADGETNHPAI
YKIDPVTHTATKGLTVNATGITAIGRLAKDSHSTYVVSATVTSANSTANYLLATSTLESGSVTPGNNNGFETATGTAWIF
YKDQYLYRLQYNQGNEGVTTAYELNTNGGIAKRSNEYTITRFTTYGIFGENIISSSAVDATFTDHHHHHH
;
B
#
# COMPACT_ATOMS: atom_id res chain seq x y z
N SER A 118 22.90 24.39 24.03
CA SER A 118 24.07 23.57 24.34
C SER A 118 23.98 22.21 23.67
N ALA A 119 22.99 21.41 24.08
CA ALA A 119 22.78 20.11 23.45
C ALA A 119 22.39 20.28 21.98
N VAL A 120 21.51 21.23 21.68
CA VAL A 120 21.19 21.53 20.30
C VAL A 120 22.45 21.96 19.55
N SER A 121 23.27 22.80 20.20
CA SER A 121 24.51 23.24 19.58
C SER A 121 25.48 22.07 19.36
N ARG A 122 25.61 21.17 20.34
CA ARG A 122 26.55 20.08 20.18
C ARG A 122 26.10 19.14 19.06
N VAL A 123 24.80 18.94 18.91
CA VAL A 123 24.30 18.13 17.80
C VAL A 123 24.55 18.84 16.47
N ASN A 124 24.31 20.15 16.42
CA ASN A 124 24.45 20.88 15.15
C ASN A 124 25.90 20.93 14.69
N LYS A 125 26.84 21.04 15.63
CA LYS A 125 28.26 21.19 15.29
C LYS A 125 28.99 19.85 15.24
N SER A 126 28.29 18.73 15.36
CA SER A 126 28.92 17.43 15.24
C SER A 126 29.32 17.18 13.79
N ALA A 127 30.23 16.22 13.60
CA ALA A 127 30.69 15.87 12.26
C ALA A 127 29.62 15.22 11.41
N PHE A 128 28.51 14.80 12.01
CA PHE A 128 27.44 14.14 11.28
C PHE A 128 26.52 15.18 10.64
N ASN A 129 25.76 14.74 9.63
CA ASN A 129 24.79 15.61 8.96
C ASN A 129 23.48 15.59 9.76
N ALA A 130 23.54 16.21 10.93
CA ALA A 130 22.45 16.18 11.89
C ALA A 130 21.87 17.58 12.09
N VAL A 131 20.57 17.62 12.36
CA VAL A 131 19.85 18.85 12.63
C VAL A 131 19.12 18.71 13.96
N ALA A 132 19.35 19.66 14.87
CA ALA A 132 18.72 19.66 16.19
C ALA A 132 17.79 20.87 16.29
N ILE A 133 16.56 20.62 16.72
CA ILE A 133 15.54 21.66 16.87
C ILE A 133 15.11 21.70 18.34
N ASP A 134 15.17 22.89 18.92
CA ASP A 134 14.73 23.11 20.30
C ASP A 134 13.21 23.31 20.30
N ALA A 135 12.48 22.34 20.86
CA ALA A 135 11.02 22.38 20.86
C ALA A 135 10.44 23.30 21.92
N LYS A 136 11.25 23.75 22.89
CA LYS A 136 10.73 24.60 23.96
C LYS A 136 10.21 25.93 23.44
N GLY A 137 10.66 26.37 22.27
CA GLY A 137 10.13 27.58 21.68
C GLY A 137 8.83 27.40 20.93
N LEU A 138 8.33 26.17 20.84
CA LEU A 138 7.09 25.88 20.13
C LEU A 138 5.98 25.42 21.07
N HIS A 139 6.20 25.42 22.37
CA HIS A 139 5.23 24.90 23.32
C HIS A 139 3.96 25.76 23.41
N ASN A 140 3.98 26.97 22.86
CA ASN A 140 2.81 27.84 22.88
C ASN A 140 1.98 27.73 21.61
N SER A 141 2.34 26.83 20.70
CA SER A 141 1.61 26.64 19.46
C SER A 141 0.75 25.39 19.54
N THR A 142 -0.01 25.13 18.47
CA THR A 142 -0.90 23.98 18.38
C THR A 142 -0.29 22.86 17.53
N GLN A 143 1.03 22.83 17.40
CA GLN A 143 1.70 21.89 16.52
C GLN A 143 1.85 20.53 17.16
N ASN A 144 2.00 19.52 16.32
CA ASN A 144 2.41 18.18 16.74
C ASN A 144 3.91 18.01 16.49
N LEU A 145 4.40 16.80 16.75
CA LEU A 145 5.81 16.51 16.47
C LEU A 145 6.11 16.57 14.98
N SER A 146 5.19 16.06 14.15
CA SER A 146 5.39 16.08 12.71
C SER A 146 5.42 17.51 12.16
N ASP A 147 4.58 18.38 12.71
CA ASP A 147 4.58 19.77 12.27
C ASP A 147 5.92 20.45 12.55
N ALA A 148 6.49 20.17 13.73
CA ALA A 148 7.81 20.70 14.03
C ALA A 148 8.88 20.10 13.11
N LEU A 149 8.78 18.79 12.84
CA LEU A 149 9.73 18.14 11.94
C LEU A 149 9.63 18.64 10.50
N ALA A 150 8.48 19.21 10.12
CA ALA A 150 8.30 19.64 8.74
C ALA A 150 9.28 20.72 8.31
N LYS A 151 9.91 21.42 9.26
CA LYS A 151 10.85 22.49 8.93
C LYS A 151 12.27 22.01 8.70
N VAL A 152 12.56 20.74 8.94
CA VAL A 152 13.92 20.22 8.74
C VAL A 152 14.23 20.17 7.25
N PRO A 153 15.41 20.62 6.81
CA PRO A 153 15.73 20.52 5.38
C PRO A 153 15.76 19.07 4.92
N GLY A 154 15.22 18.85 3.72
CA GLY A 154 15.18 17.52 3.14
C GLY A 154 14.12 16.61 3.71
N LEU A 155 13.27 17.11 4.61
CA LEU A 155 12.26 16.30 5.28
C LEU A 155 10.88 16.77 4.83
N LYS A 156 10.04 15.82 4.44
CA LYS A 156 8.73 16.13 3.86
C LYS A 156 7.65 15.34 4.58
N LEU A 157 6.52 16.01 4.85
CA LEU A 157 5.35 15.39 5.46
C LEU A 157 4.24 15.32 4.43
N ARG A 158 3.57 14.17 4.35
CA ARG A 158 2.48 13.97 3.40
C ARG A 158 1.32 13.32 4.14
N GLU A 159 0.28 14.11 4.40
CA GLU A 159 -0.86 13.66 5.19
C GLU A 159 -2.11 13.60 4.31
N ALA A 160 -2.97 12.61 4.60
CA ALA A 160 -4.20 12.45 3.83
C ALA A 160 -5.19 13.58 4.06
N GLY A 161 -5.05 14.33 5.14
CA GLY A 161 -5.93 15.45 5.39
C GLY A 161 -6.76 15.33 6.65
N GLY A 162 -6.51 16.21 7.61
CA GLY A 162 -7.25 16.24 8.86
C GLY A 162 -6.42 15.77 10.04
N VAL A 163 -7.01 15.91 11.22
CA VAL A 163 -6.35 15.49 12.45
C VAL A 163 -6.40 13.97 12.54
N GLY A 164 -5.24 13.37 12.80
CA GLY A 164 -5.16 11.93 12.92
C GLY A 164 -5.21 11.17 11.61
N SER A 165 -5.02 11.86 10.49
CA SER A 165 -5.04 11.21 9.18
C SER A 165 -3.74 10.43 8.95
N ASP A 166 -3.77 9.58 7.93
CA ASP A 166 -2.59 8.81 7.57
C ASP A 166 -1.47 9.73 7.13
N MET A 167 -0.32 9.63 7.81
CA MET A 167 0.82 10.49 7.59
C MET A 167 2.01 9.68 7.12
N ILE A 168 2.74 10.21 6.14
CA ILE A 168 3.95 9.60 5.61
C ILE A 168 5.07 10.61 5.71
N LEU A 169 6.17 10.21 6.32
CA LEU A 169 7.34 11.07 6.49
C LEU A 169 8.45 10.59 5.57
N SER A 170 9.01 11.52 4.79
CA SER A 170 10.07 11.21 3.84
C SER A 170 11.31 12.02 4.18
N LEU A 171 12.48 11.38 4.04
CA LEU A 171 13.75 12.02 4.35
C LEU A 171 14.72 11.70 3.20
N ASP A 172 15.07 12.73 2.43
CA ASP A 172 15.93 12.58 1.25
C ASP A 172 15.36 11.59 0.24
N GLY A 173 14.04 11.49 0.18
CA GLY A 173 13.35 10.56 -0.69
C GLY A 173 13.03 9.23 -0.06
N PHE A 174 13.69 8.86 1.04
CA PHE A 174 13.38 7.63 1.75
C PHE A 174 12.14 7.85 2.62
N SER A 175 11.19 6.93 2.54
CA SER A 175 9.93 7.06 3.25
C SER A 175 9.58 5.74 3.94
N GLY A 176 8.78 5.86 5.00
CA GLY A 176 8.27 4.70 5.70
C GLY A 176 9.29 3.89 6.46
N LYS A 177 9.51 2.65 6.00
CA LYS A 177 10.37 1.73 6.73
C LYS A 177 11.84 2.13 6.69
N HIS A 178 12.22 3.04 5.80
CA HIS A 178 13.62 3.45 5.67
C HIS A 178 14.02 4.57 6.63
N VAL A 179 13.06 5.16 7.34
CA VAL A 179 13.34 6.16 8.36
C VAL A 179 12.85 5.62 9.70
N LYS A 180 13.72 5.66 10.70
CA LYS A 180 13.42 5.03 11.99
C LYS A 180 13.26 6.09 13.08
N LEU A 181 12.31 5.84 13.98
CA LEU A 181 11.94 6.79 15.02
C LEU A 181 12.28 6.24 16.40
N PHE A 182 12.81 7.10 17.26
CA PHE A 182 13.15 6.77 18.63
C PHE A 182 12.64 7.86 19.56
N ILE A 183 12.31 7.46 20.79
CA ILE A 183 12.03 8.39 21.88
C ILE A 183 12.99 8.06 23.01
N ASP A 184 13.97 8.94 23.24
CA ASP A 184 15.01 8.74 24.24
C ASP A 184 15.76 7.42 24.00
N GLY A 185 16.01 7.10 22.73
CA GLY A 185 16.74 5.92 22.37
C GLY A 185 15.93 4.63 22.33
N VAL A 186 14.62 4.71 22.53
CA VAL A 186 13.75 3.53 22.51
C VAL A 186 13.13 3.44 21.11
N PRO A 187 13.34 2.34 20.39
CA PRO A 187 12.73 2.22 19.06
C PRO A 187 11.21 2.23 19.14
N GLN A 188 10.59 2.86 18.15
CA GLN A 188 9.14 3.03 18.10
C GLN A 188 8.48 2.26 16.97
N GLU A 189 9.23 1.40 16.27
CA GLU A 189 8.66 0.67 15.14
C GLU A 189 7.63 -0.37 15.57
N GLY A 190 7.55 -0.68 16.85
CA GLY A 190 6.57 -1.65 17.33
C GLY A 190 5.44 -1.06 18.13
N VAL A 191 5.23 0.24 18.00
CA VAL A 191 4.16 0.94 18.70
C VAL A 191 3.00 1.15 17.74
N GLY A 192 1.78 1.04 18.24
CA GLY A 192 0.61 1.16 17.42
C GLY A 192 0.33 2.60 17.00
N SER A 193 -0.77 2.77 16.27
CA SER A 193 -1.14 4.07 15.74
C SER A 193 -1.80 4.98 16.78
N SER A 194 -2.14 4.45 17.96
CA SER A 194 -2.70 5.28 19.01
C SER A 194 -1.66 6.17 19.68
N PHE A 195 -0.37 5.94 19.42
CA PHE A 195 0.73 6.73 19.98
C PHE A 195 1.75 6.89 18.85
N GLY A 196 1.61 7.97 18.08
CA GLY A 196 2.42 8.17 16.90
C GLY A 196 2.80 9.61 16.70
N LEU A 197 3.65 9.82 15.69
CA LEU A 197 4.24 11.14 15.45
C LEU A 197 3.17 12.19 15.17
N ASN A 198 2.11 11.82 14.47
CA ASN A 198 1.11 12.77 14.02
C ASN A 198 0.05 13.09 15.07
N ASN A 199 0.11 12.49 16.27
CA ASN A 199 -0.91 12.71 17.28
C ASN A 199 -0.32 12.95 18.67
N ILE A 200 0.96 13.29 18.76
CA ILE A 200 1.59 13.66 20.02
C ILE A 200 1.85 15.16 20.01
N PRO A 201 1.42 15.90 21.04
CA PRO A 201 1.66 17.35 21.06
C PRO A 201 3.14 17.68 21.14
N ILE A 202 3.49 18.86 20.63
CA ILE A 202 4.88 19.31 20.67
C ILE A 202 5.36 19.54 22.10
N ASN A 203 4.44 19.77 23.04
CA ASN A 203 4.82 19.94 24.44
C ASN A 203 5.48 18.69 25.00
N PHE A 204 5.27 17.53 24.38
CA PHE A 204 5.86 16.28 24.85
C PHE A 204 7.37 16.26 24.71
N ALA A 205 7.91 17.03 23.76
CA ALA A 205 9.32 16.94 23.40
C ALA A 205 10.12 18.10 23.98
N ASP A 206 11.32 17.78 24.49
CA ASP A 206 12.27 18.83 24.84
C ASP A 206 13.04 19.29 23.61
N ARG A 207 13.47 18.36 22.77
CA ARG A 207 14.10 18.71 21.49
C ARG A 207 13.95 17.54 20.54
N ILE A 208 14.30 17.79 19.28
CA ILE A 208 14.19 16.79 18.23
C ILE A 208 15.50 16.76 17.44
N GLU A 209 16.04 15.56 17.22
CA GLU A 209 17.27 15.38 16.48
C GLU A 209 16.99 14.55 15.23
N VAL A 210 17.50 15.00 14.09
CA VAL A 210 17.33 14.30 12.81
C VAL A 210 18.71 14.00 12.25
N TYR A 211 18.99 12.73 12.02
CA TYR A 211 20.23 12.28 11.39
C TYR A 211 19.90 11.78 9.99
N ARG A 212 20.53 12.39 8.99
CA ARG A 212 20.24 12.15 7.58
C ARG A 212 21.36 11.31 6.98
N GLY A 213 21.00 10.14 6.44
CA GLY A 213 21.95 9.30 5.76
C GLY A 213 22.86 8.52 6.69
N VAL A 214 23.74 9.22 7.41
CA VAL A 214 24.72 8.60 8.29
C VAL A 214 24.24 8.73 9.73
N VAL A 215 24.19 7.60 10.43
CA VAL A 215 23.61 7.52 11.76
C VAL A 215 24.71 7.14 12.75
N PRO A 216 24.87 7.87 13.84
CA PRO A 216 25.91 7.51 14.81
C PRO A 216 25.55 6.26 15.60
N VAL A 217 26.60 5.61 16.12
CA VAL A 217 26.40 4.42 16.93
C VAL A 217 25.75 4.82 18.25
N GLY A 218 24.67 4.11 18.61
CA GLY A 218 23.94 4.42 19.82
C GLY A 218 22.45 4.22 19.67
N PHE A 219 22.00 3.94 18.45
CA PHE A 219 20.59 3.69 18.15
C PHE A 219 20.29 2.25 17.82
N GLY A 220 21.20 1.56 17.12
CA GLY A 220 21.05 0.15 16.84
C GLY A 220 19.82 -0.19 16.01
N THR A 221 19.79 0.27 14.76
CA THR A 221 18.67 -0.02 13.88
C THR A 221 19.16 -0.06 12.44
N ASP A 222 18.39 -0.71 11.59
CA ASP A 222 18.67 -0.77 10.16
C ASP A 222 17.81 0.28 9.46
N ALA A 223 18.45 1.34 8.97
CA ALA A 223 17.73 2.47 8.38
C ALA A 223 18.55 3.01 7.21
N LEU A 224 18.03 2.81 5.99
CA LEU A 224 18.67 3.39 4.82
C LEU A 224 18.55 4.91 4.81
N GLY A 225 17.38 5.44 5.18
CA GLY A 225 17.12 6.86 5.10
C GLY A 225 17.74 7.68 6.22
N GLY A 226 17.29 7.45 7.45
CA GLY A 226 17.80 8.22 8.57
C GLY A 226 17.03 7.92 9.84
N VAL A 227 17.34 8.71 10.86
CA VAL A 227 16.80 8.51 12.21
C VAL A 227 16.25 9.82 12.74
N ILE A 228 15.09 9.75 13.39
CA ILE A 228 14.51 10.86 14.13
C ILE A 228 14.42 10.45 15.59
N ASN A 229 14.95 11.30 16.47
CA ASN A 229 14.98 11.02 17.90
C ASN A 229 14.31 12.16 18.64
N ILE A 230 13.30 11.82 19.46
CA ILE A 230 12.58 12.77 20.27
C ILE A 230 13.15 12.71 21.68
N VAL A 231 13.62 13.84 22.19
CA VAL A 231 14.22 13.92 23.52
C VAL A 231 13.26 14.68 24.42
N THR A 232 12.85 14.05 25.51
CA THR A 232 11.98 14.66 26.50
C THR A 232 12.80 15.37 27.57
N ASN A 233 12.11 16.16 28.40
CA ASN A 233 12.77 16.94 29.43
C ASN A 233 13.05 16.03 30.63
N LYS A 234 14.33 15.82 30.91
CA LYS A 234 14.77 14.98 32.03
C LYS A 234 15.51 15.78 33.10
N ASN A 235 15.36 17.10 33.09
CA ASN A 235 15.99 17.98 34.06
C ASN A 235 14.93 18.88 34.71
N ARG A 236 13.84 18.25 35.15
CA ARG A 236 12.73 18.98 35.73
C ARG A 236 13.11 19.51 37.12
N LYS A 237 12.27 20.39 37.64
CA LYS A 237 12.49 21.00 38.95
C LYS A 237 11.98 20.07 40.06
N ASN A 238 12.07 20.56 41.30
CA ASN A 238 11.61 19.75 42.43
C ASN A 238 10.12 19.46 42.34
N TRP A 239 9.34 20.42 41.86
CA TRP A 239 7.93 20.20 41.56
C TRP A 239 7.55 21.07 40.37
N PHE A 240 6.71 20.54 39.49
CA PHE A 240 6.31 21.28 38.31
C PHE A 240 4.92 20.85 37.85
N LEU A 241 4.19 21.80 37.26
CA LEU A 241 2.88 21.60 36.68
C LEU A 241 2.81 22.39 35.38
N ASP A 242 2.19 21.79 34.35
CA ASP A 242 2.04 22.42 33.05
C ASP A 242 0.71 21.98 32.47
N ALA A 243 -0.08 22.94 31.99
CA ALA A 243 -1.39 22.61 31.47
C ALA A 243 -1.75 23.53 30.30
N SER A 244 -2.36 22.96 29.26
CA SER A 244 -2.74 23.74 28.09
C SER A 244 -4.01 23.19 27.48
N TYR A 245 -4.86 24.09 26.97
CA TYR A 245 -6.07 23.73 26.26
C TYR A 245 -6.19 24.57 25.00
N SER A 246 -6.73 23.96 23.95
CA SER A 246 -6.85 24.61 22.65
C SER A 246 -8.15 24.24 21.98
N TYR A 247 -8.82 25.25 21.41
CA TYR A 247 -10.07 25.08 20.69
C TYR A 247 -9.91 25.62 19.27
N GLY A 248 -10.54 24.94 18.31
CA GLY A 248 -10.33 25.27 16.91
C GLY A 248 -11.57 25.42 16.05
N SER A 249 -11.36 25.32 14.73
CA SER A 249 -12.42 25.63 13.77
C SER A 249 -13.40 24.48 13.60
N PHE A 250 -12.91 23.33 13.15
CA PHE A 250 -13.78 22.21 12.81
C PHE A 250 -14.05 21.33 14.03
N ASN A 251 -14.51 21.97 15.11
CA ASN A 251 -14.79 21.30 16.38
C ASN A 251 -13.58 20.52 16.87
N THR A 252 -12.48 21.25 17.07
CA THR A 252 -11.20 20.68 17.48
C THR A 252 -10.93 21.03 18.93
N HIS A 253 -10.66 20.01 19.74
CA HIS A 253 -10.34 20.18 21.16
C HIS A 253 -9.06 19.42 21.45
N LYS A 254 -8.05 20.13 21.97
CA LYS A 254 -6.78 19.48 22.29
C LYS A 254 -6.31 19.93 23.67
N SER A 255 -6.06 18.98 24.57
CA SER A 255 -5.64 19.33 25.92
C SER A 255 -4.45 18.49 26.35
N TYR A 256 -3.60 19.10 27.19
CA TYR A 256 -2.35 18.50 27.62
C TYR A 256 -2.06 18.88 29.07
N VAL A 257 -1.63 17.91 29.86
CA VAL A 257 -1.25 18.10 31.26
C VAL A 257 0.04 17.33 31.52
N ASN A 258 0.95 17.95 32.28
CA ASN A 258 2.21 17.32 32.65
C ASN A 258 2.60 17.82 34.03
N PHE A 259 2.63 16.94 35.02
CA PHE A 259 3.00 17.37 36.37
C PHE A 259 3.83 16.29 37.06
N GLY A 260 4.70 16.73 37.97
CA GLY A 260 5.52 15.77 38.67
C GLY A 260 6.35 16.42 39.75
N GLN A 261 7.02 15.57 40.52
CA GLN A 261 7.89 16.07 41.58
C GLN A 261 8.85 14.98 42.04
N THR A 262 9.96 15.44 42.61
CA THR A 262 10.98 14.59 43.21
C THR A 262 11.19 15.01 44.66
N PHE A 263 11.51 14.04 45.50
CA PHE A 263 11.62 14.25 46.94
C PHE A 263 13.07 14.18 47.39
N LYS A 264 13.29 14.55 48.66
CA LYS A 264 14.64 14.62 49.20
C LYS A 264 15.26 13.25 49.43
N ASN A 265 14.46 12.20 49.43
CA ASN A 265 14.97 10.84 49.60
C ASN A 265 15.31 10.17 48.28
N GLY A 266 15.17 10.87 47.16
CA GLY A 266 15.50 10.35 45.85
C GLY A 266 14.33 9.89 45.03
N LEU A 267 13.18 9.65 45.65
CA LEU A 267 12.00 9.20 44.92
C LEU A 267 11.47 10.32 44.03
N THR A 268 11.16 9.99 42.78
CA THR A 268 10.66 10.95 41.82
C THR A 268 9.54 10.33 41.01
N TYR A 269 8.60 11.16 40.57
CA TYR A 269 7.53 10.68 39.69
C TYR A 269 7.11 11.80 38.75
N GLU A 270 6.56 11.38 37.61
CA GLU A 270 6.09 12.26 36.55
C GLU A 270 4.86 11.67 35.89
N ILE A 271 3.91 12.53 35.53
CA ILE A 271 2.67 12.13 34.88
C ILE A 271 2.43 13.03 33.68
N ASN A 272 2.20 12.40 32.52
CA ASN A 272 1.78 13.06 31.30
C ASN A 272 0.39 12.56 30.91
N ALA A 273 -0.43 13.45 30.37
CA ALA A 273 -1.73 13.06 29.85
C ALA A 273 -2.11 14.02 28.75
N PHE A 274 -2.68 13.51 27.66
CA PHE A 274 -3.15 14.40 26.62
C PHE A 274 -4.26 13.74 25.82
N GLN A 275 -5.07 14.58 25.17
CA GLN A 275 -6.11 14.11 24.28
C GLN A 275 -6.26 15.07 23.10
N ASN A 276 -6.51 14.49 21.93
CA ASN A 276 -6.83 15.23 20.72
C ASN A 276 -8.18 14.76 20.19
N TYR A 277 -9.02 15.70 19.78
CA TYR A 277 -10.35 15.43 19.25
C TYR A 277 -10.64 16.38 18.11
N SER A 278 -11.25 15.88 17.05
CA SER A 278 -11.66 16.73 15.95
C SER A 278 -12.75 16.04 15.15
N ASP A 279 -13.61 16.85 14.54
CA ASP A 279 -14.59 16.34 13.59
C ASP A 279 -14.08 16.33 12.17
N ASN A 280 -13.09 17.15 11.85
CA ASN A 280 -12.53 17.26 10.50
C ASN A 280 -13.63 17.57 9.49
N SER A 281 -14.57 18.44 9.90
CA SER A 281 -15.73 18.77 9.07
C SER A 281 -15.44 20.02 8.22
N TYR A 282 -14.43 19.89 7.38
CA TYR A 282 -14.05 20.95 6.45
C TYR A 282 -14.52 20.62 5.04
N TYR A 283 -14.56 21.65 4.20
CA TYR A 283 -15.18 21.57 2.89
C TYR A 283 -14.18 21.15 1.82
N VAL A 284 -14.66 20.33 0.87
CA VAL A 284 -13.86 19.87 -0.26
C VAL A 284 -14.69 20.00 -1.53
N ASP A 285 -13.99 20.02 -2.66
CA ASP A 285 -14.61 20.09 -3.98
C ASP A 285 -14.47 18.74 -4.66
N THR A 286 -15.61 18.16 -5.07
CA THR A 286 -15.60 16.82 -5.64
C THR A 286 -16.91 16.51 -6.34
N PRO A 287 -16.90 15.66 -7.37
CA PRO A 287 -18.16 15.16 -7.94
C PRO A 287 -18.83 14.20 -6.99
N VAL A 288 -20.17 14.29 -6.93
CA VAL A 288 -20.98 13.51 -6.00
C VAL A 288 -21.77 12.47 -6.77
N GLU A 289 -21.97 11.31 -6.15
CA GLU A 289 -22.78 10.25 -6.73
C GLU A 289 -24.26 10.59 -6.56
N GLU A 290 -24.95 10.78 -7.68
CA GLU A 290 -26.39 11.02 -7.67
C GLU A 290 -27.13 9.70 -7.68
N PHE A 291 -28.11 9.58 -6.78
CA PHE A 291 -29.02 8.44 -6.72
C PHE A 291 -30.28 8.82 -7.48
N TYR A 292 -30.57 8.09 -8.55
CA TYR A 292 -31.68 8.46 -9.43
C TYR A 292 -33.00 7.94 -8.88
N GLU A 293 -34.09 8.57 -9.34
CA GLU A 293 -35.43 8.18 -8.91
C GLU A 293 -35.79 6.78 -9.37
N GLY A 294 -35.22 6.33 -10.49
CA GLY A 294 -35.52 5.01 -11.02
C GLY A 294 -34.84 3.87 -10.31
N GLY A 295 -33.94 4.16 -9.38
CA GLY A 295 -33.24 3.13 -8.61
C GLY A 295 -31.76 3.04 -8.89
N GLY A 296 -31.26 3.69 -9.94
CA GLY A 296 -29.85 3.65 -10.28
C GLY A 296 -29.07 4.74 -9.59
N SER A 297 -27.80 4.84 -9.97
CA SER A 297 -26.91 5.86 -9.43
C SER A 297 -25.73 6.04 -10.38
N ALA A 298 -25.12 7.22 -10.33
CA ALA A 298 -23.97 7.49 -11.18
C ALA A 298 -23.23 8.72 -10.66
N ILE A 299 -21.93 8.78 -10.97
CA ILE A 299 -21.08 9.90 -10.56
C ILE A 299 -20.68 10.62 -11.85
N ASN A 300 -21.28 11.79 -12.08
CA ASN A 300 -20.96 12.58 -13.27
C ASN A 300 -19.74 13.45 -12.96
N THR A 301 -18.63 13.18 -13.66
CA THR A 301 -17.37 13.87 -13.38
C THR A 301 -17.41 15.32 -13.83
N ASP A 302 -18.25 15.67 -14.81
CA ASP A 302 -18.32 17.04 -15.30
C ASP A 302 -18.94 18.00 -14.28
N LYS A 303 -19.53 17.49 -13.20
CA LYS A 303 -20.19 18.32 -12.20
C LYS A 303 -19.46 18.17 -10.88
N VAL A 304 -18.97 19.29 -10.34
CA VAL A 304 -18.18 19.32 -9.12
C VAL A 304 -18.94 20.13 -8.08
N GLU A 305 -19.07 19.58 -6.88
CA GLU A 305 -19.81 20.22 -5.80
C GLU A 305 -18.89 20.54 -4.63
N HIS A 306 -19.28 21.55 -3.87
CA HIS A 306 -18.56 22.00 -2.68
C HIS A 306 -19.30 21.45 -1.46
N VAL A 307 -18.75 20.41 -0.85
CA VAL A 307 -19.46 19.65 0.18
C VAL A 307 -18.62 19.56 1.44
N LYS A 308 -19.31 19.44 2.57
CA LYS A 308 -18.66 19.31 3.87
C LYS A 308 -18.47 17.85 4.23
N ARG A 309 -17.45 17.59 5.05
CA ARG A 309 -17.11 16.24 5.48
C ARG A 309 -17.96 15.86 6.69
N PHE A 310 -18.54 14.66 6.65
CA PHE A 310 -19.53 14.27 7.65
C PHE A 310 -19.20 13.01 8.42
N HIS A 311 -18.21 12.22 7.98
CA HIS A 311 -17.86 10.96 8.64
C HIS A 311 -16.34 10.88 8.82
N ASP A 312 -15.77 11.95 9.36
CA ASP A 312 -14.31 12.07 9.48
C ASP A 312 -13.85 12.27 10.93
N ASN A 313 -14.72 12.01 11.91
CA ASN A 313 -14.38 12.29 13.30
C ASN A 313 -13.24 11.40 13.77
N TYR A 314 -12.34 11.99 14.57
CA TYR A 314 -11.19 11.29 15.11
C TYR A 314 -10.93 11.79 16.52
N HIS A 315 -10.46 10.88 17.37
CA HIS A 315 -10.01 11.29 18.70
C HIS A 315 -9.10 10.22 19.31
N ASN A 316 -8.00 10.67 19.90
CA ASN A 316 -7.09 9.77 20.59
C ASN A 316 -6.73 10.36 21.95
N GLU A 317 -6.38 9.45 22.87
CA GLU A 317 -6.03 9.81 24.24
C GLU A 317 -4.79 9.03 24.64
N ALA A 318 -4.00 9.61 25.55
CA ALA A 318 -2.81 8.93 26.03
C ALA A 318 -2.46 9.38 27.44
N VAL A 319 -1.98 8.43 28.24
CA VAL A 319 -1.51 8.68 29.60
C VAL A 319 -0.15 7.99 29.77
N VAL A 320 0.81 8.71 30.35
CA VAL A 320 2.15 8.20 30.61
C VAL A 320 2.46 8.42 32.08
N GLY A 321 2.98 7.39 32.75
CA GLY A 321 3.36 7.54 34.14
C GLY A 321 4.70 6.91 34.46
N LYS A 322 5.60 7.67 35.08
CA LYS A 322 6.93 7.17 35.39
C LYS A 322 7.25 7.44 36.85
N VAL A 323 7.91 6.47 37.49
CA VAL A 323 8.30 6.59 38.90
C VAL A 323 9.63 5.89 39.08
N GLY A 324 10.49 6.46 39.94
CA GLY A 324 11.78 5.83 40.16
C GLY A 324 12.64 6.60 41.14
N LEU A 325 13.94 6.30 41.07
CA LEU A 325 14.94 6.85 41.96
C LEU A 325 16.05 7.52 41.15
N VAL A 326 16.60 8.62 41.69
CA VAL A 326 17.67 9.36 41.04
C VAL A 326 18.74 9.71 42.06
N ASP A 327 19.95 9.95 41.57
CA ASP A 327 21.08 10.42 42.37
C ASP A 327 21.36 9.49 43.56
N LYS A 328 21.52 8.21 43.26
CA LYS A 328 21.92 7.22 44.25
C LYS A 328 23.35 6.77 43.98
N LYS A 329 23.98 6.19 45.01
CA LYS A 329 25.34 5.70 44.86
C LYS A 329 25.39 4.53 43.89
N TRP A 330 24.33 3.72 43.81
CA TRP A 330 24.30 2.54 42.97
C TRP A 330 23.53 2.76 41.67
N ALA A 331 22.98 3.95 41.45
CA ALA A 331 22.25 4.23 40.22
C ALA A 331 22.07 5.73 40.07
N ASP A 332 22.47 6.27 38.91
CA ASP A 332 22.17 7.66 38.61
C ASP A 332 20.70 7.84 38.26
N ARG A 333 20.06 6.82 37.69
CA ARG A 333 18.65 6.91 37.33
C ARG A 333 18.09 5.50 37.17
N LEU A 334 17.05 5.17 37.93
CA LEU A 334 16.39 3.86 37.82
C LEU A 334 14.89 4.11 37.82
N MET A 335 14.24 3.89 36.68
CA MET A 335 12.85 4.29 36.50
C MET A 335 12.02 3.14 35.93
N ILE A 336 10.76 3.10 36.34
CA ILE A 336 9.75 2.19 35.81
C ILE A 336 8.62 3.05 35.25
N GLY A 337 8.20 2.75 34.02
CA GLY A 337 7.19 3.55 33.36
C GLY A 337 6.12 2.70 32.71
N LEU A 338 4.94 3.30 32.56
CA LEU A 338 3.80 2.64 31.95
C LEU A 338 3.02 3.66 31.12
N THR A 339 2.74 3.32 29.86
CA THR A 339 2.00 4.17 28.96
C THR A 339 0.78 3.43 28.42
N TYR A 340 -0.36 4.13 28.39
CA TYR A 340 -1.58 3.58 27.79
C TYR A 340 -2.13 4.59 26.79
N SER A 341 -2.42 4.13 25.58
CA SER A 341 -2.96 4.98 24.54
C SER A 341 -4.17 4.32 23.90
N ARG A 342 -5.11 5.13 23.44
CA ARG A 342 -6.29 4.64 22.74
C ARG A 342 -6.65 5.60 21.63
N MET A 343 -7.31 5.08 20.59
CA MET A 343 -7.54 5.82 19.36
C MET A 343 -8.83 5.35 18.71
N TYR A 344 -9.62 6.31 18.21
CA TYR A 344 -10.81 6.03 17.42
C TYR A 344 -10.80 6.91 16.17
N LYS A 345 -11.07 6.29 15.03
CA LYS A 345 -11.00 6.95 13.72
C LYS A 345 -12.22 6.57 12.89
N GLU A 346 -12.67 7.53 12.07
CA GLU A 346 -13.74 7.32 11.12
C GLU A 346 -13.18 7.49 9.71
N ILE A 347 -13.35 6.47 8.87
CA ILE A 347 -12.84 6.51 7.51
C ILE A 347 -13.82 7.28 6.63
N GLN A 348 -13.35 8.39 6.05
CA GLN A 348 -14.20 9.25 5.23
C GLN A 348 -14.14 8.90 3.75
N THR A 349 -12.94 8.62 3.22
CA THR A 349 -12.75 8.32 1.81
C THR A 349 -11.80 7.14 1.67
N GLY A 350 -11.54 6.77 0.42
CA GLY A 350 -10.56 5.77 0.06
C GLY A 350 -9.26 6.39 -0.40
N VAL A 351 -8.59 5.73 -1.34
CA VAL A 351 -7.36 6.27 -1.88
C VAL A 351 -7.64 7.55 -2.66
N VAL A 352 -8.74 7.57 -3.42
CA VAL A 352 -9.19 8.78 -4.11
C VAL A 352 -10.40 9.32 -3.38
N GLN A 353 -10.62 10.64 -3.56
CA GLN A 353 -11.70 11.31 -2.84
C GLN A 353 -13.08 10.88 -3.33
N LYS A 354 -13.19 10.48 -4.59
CA LYS A 354 -14.50 10.13 -5.15
C LYS A 354 -15.15 8.98 -4.39
N VAL A 355 -14.34 8.06 -3.87
CA VAL A 355 -14.85 6.98 -3.03
C VAL A 355 -15.13 7.55 -1.65
N VAL A 356 -16.37 7.45 -1.20
CA VAL A 356 -16.80 8.03 0.07
C VAL A 356 -17.47 6.95 0.90
N PHE A 357 -17.29 7.03 2.22
CA PHE A 357 -17.85 6.06 3.16
C PHE A 357 -18.61 6.81 4.24
N GLY A 358 -19.53 6.10 4.89
CA GLY A 358 -20.38 6.72 5.89
C GLY A 358 -20.49 6.00 7.22
N GLU A 359 -19.99 4.77 7.29
CA GLU A 359 -20.07 3.97 8.51
C GLU A 359 -18.78 3.29 8.90
N LYS A 360 -17.84 3.09 7.98
CA LYS A 360 -16.60 2.38 8.26
C LYS A 360 -15.81 3.10 9.36
N TYR A 361 -15.25 2.32 10.30
CA TYR A 361 -14.47 2.95 11.35
C TYR A 361 -13.39 1.99 11.83
N ARG A 362 -12.43 2.56 12.58
CA ARG A 362 -11.29 1.82 13.11
C ARG A 362 -11.03 2.24 14.55
N LYS A 363 -10.64 1.27 15.37
CA LYS A 363 -10.31 1.50 16.77
C LYS A 363 -8.98 0.83 17.10
N GLY A 364 -8.30 1.35 18.11
CA GLY A 364 -7.05 0.75 18.54
C GLY A 364 -6.66 1.18 19.93
N ASN A 365 -5.77 0.38 20.53
CA ASN A 365 -5.20 0.75 21.82
C ASN A 365 -3.86 0.07 22.00
N SER A 366 -3.03 0.66 22.86
CA SER A 366 -1.67 0.19 23.09
C SER A 366 -1.32 0.31 24.56
N LEU A 367 -0.61 -0.71 25.07
CA LEU A 367 -0.13 -0.74 26.44
C LEU A 367 1.37 -1.01 26.40
N MET A 368 2.14 -0.19 27.12
CA MET A 368 3.59 -0.15 26.99
C MET A 368 4.26 -0.01 28.35
N PRO A 369 4.71 -1.11 28.96
CA PRO A 369 5.59 -1.01 30.13
C PRO A 369 7.06 -0.91 29.75
N SER A 370 7.83 -0.29 30.64
CA SER A 370 9.24 -0.02 30.38
C SER A 370 10.04 0.08 31.67
N LEU A 371 11.32 -0.26 31.57
CA LEU A 371 12.31 -0.16 32.63
C LEU A 371 13.56 0.51 32.10
N GLU A 372 14.14 1.43 32.88
CA GLU A 372 15.36 2.12 32.51
C GLU A 372 16.33 2.15 33.68
N TYR A 373 17.61 1.90 33.39
CA TYR A 373 18.69 2.03 34.35
C TYR A 373 19.85 2.78 33.70
N ARG A 374 20.49 3.66 34.47
CA ARG A 374 21.53 4.53 33.95
C ARG A 374 22.49 4.89 35.07
N LYS A 375 23.78 4.73 34.82
CA LYS A 375 24.80 5.07 35.83
C LYS A 375 26.06 5.56 35.14
N ARG A 376 26.81 6.39 35.86
CA ARG A 376 28.09 6.91 35.41
C ARG A 376 29.20 6.42 36.34
N ASN A 377 30.37 6.19 35.76
CA ASN A 377 31.52 5.65 36.49
C ASN A 377 31.14 4.35 37.21
N LEU A 378 30.73 3.37 36.41
CA LEU A 378 30.19 2.13 36.97
C LEU A 378 31.22 1.41 37.84
N PHE A 379 32.32 0.97 37.23
CA PHE A 379 33.39 0.32 37.95
C PHE A 379 34.74 1.02 37.81
N VAL A 380 34.95 1.75 36.72
CA VAL A 380 36.15 2.56 36.53
C VAL A 380 35.71 3.97 36.15
N ARG A 381 36.62 4.92 36.32
CA ARG A 381 36.32 6.30 35.99
C ARG A 381 36.04 6.43 34.49
N ASN A 382 35.10 7.31 34.15
CA ASN A 382 34.76 7.68 32.78
C ASN A 382 34.05 6.56 32.02
N LEU A 383 33.50 5.57 32.72
CA LEU A 383 32.75 4.48 32.09
C LEU A 383 31.29 4.63 32.46
N ASP A 384 30.46 4.96 31.46
CA ASP A 384 29.03 5.17 31.66
C ASP A 384 28.24 4.03 31.03
N VAL A 385 27.19 3.58 31.73
CA VAL A 385 26.41 2.43 31.31
C VAL A 385 24.93 2.77 31.35
N ALA A 386 24.19 2.35 30.33
CA ALA A 386 22.75 2.51 30.29
C ALA A 386 22.11 1.22 29.77
N PHE A 387 21.07 0.76 30.44
CA PHE A 387 20.30 -0.39 30.01
C PHE A 387 18.82 -0.02 29.99
N THR A 388 18.09 -0.59 29.03
CA THR A 388 16.70 -0.20 28.83
C THR A 388 15.92 -1.40 28.30
N ALA A 389 14.70 -1.59 28.80
CA ALA A 389 13.85 -2.69 28.35
C ALA A 389 12.42 -2.19 28.18
N ASN A 390 11.77 -2.62 27.10
CA ASN A 390 10.44 -2.14 26.76
C ASN A 390 9.60 -3.29 26.22
N TYR A 391 8.31 -3.27 26.53
CA TYR A 391 7.35 -4.25 26.02
C TYR A 391 6.13 -3.51 25.49
N ASN A 392 5.62 -3.93 24.33
CA ASN A 392 4.51 -3.25 23.68
C ASN A 392 3.46 -4.27 23.27
N ARG A 393 2.22 -4.04 23.72
CA ARG A 393 1.07 -4.85 23.32
C ARG A 393 0.07 -3.94 22.62
N ASN A 394 -0.32 -4.31 21.41
CA ASN A 394 -1.19 -3.48 20.57
C ASN A 394 -2.44 -4.25 20.17
N PHE A 395 -3.58 -3.56 20.14
CA PHE A 395 -4.85 -4.10 19.69
C PHE A 395 -5.46 -3.19 18.64
N THR A 396 -5.99 -3.81 17.58
CA THR A 396 -6.64 -3.11 16.48
C THR A 396 -8.00 -3.74 16.20
N ASN A 397 -8.93 -2.90 15.71
CA ASN A 397 -10.26 -3.38 15.34
C ASN A 397 -10.75 -2.56 14.16
N ASN A 398 -10.98 -3.22 13.03
CA ASN A 398 -11.49 -2.57 11.83
C ASN A 398 -12.91 -3.06 11.58
N VAL A 399 -13.87 -2.13 11.51
CA VAL A 399 -15.28 -2.46 11.36
C VAL A 399 -15.81 -1.82 10.08
N ASP A 400 -16.39 -2.64 9.21
CA ASP A 400 -17.00 -2.25 7.94
C ASP A 400 -18.18 -3.21 7.76
N THR A 401 -19.36 -2.79 8.24
CA THR A 401 -20.51 -3.68 8.28
C THR A 401 -21.80 -2.99 7.85
N ALA A 402 -21.71 -1.84 7.19
CA ALA A 402 -22.91 -1.09 6.83
C ALA A 402 -23.65 -1.79 5.69
N THR A 403 -24.94 -1.49 5.59
CA THR A 403 -25.80 -2.00 4.52
C THR A 403 -26.31 -0.89 3.61
N TYR A 404 -25.59 0.24 3.56
CA TYR A 404 -25.99 1.36 2.71
C TYR A 404 -24.78 1.89 1.96
N ARG A 405 -25.07 2.54 0.83
CA ARG A 405 -24.10 3.24 0.01
C ARG A 405 -24.32 4.74 0.21
N PHE A 406 -23.27 5.44 0.59
CA PHE A 406 -23.31 6.86 0.88
C PHE A 406 -22.74 7.67 -0.28
N ASN A 407 -23.21 8.90 -0.42
CA ASN A 407 -22.61 9.87 -1.34
C ASN A 407 -22.07 11.04 -0.52
N TRP A 408 -21.48 12.01 -1.23
CA TRP A 408 -20.81 13.12 -0.56
C TRP A 408 -21.77 14.11 0.08
N LEU A 409 -23.06 14.01 -0.18
CA LEU A 409 -24.06 14.85 0.45
C LEU A 409 -24.61 14.24 1.74
N GLY A 410 -24.12 13.08 2.15
CA GLY A 410 -24.62 12.41 3.33
C GLY A 410 -25.87 11.58 3.13
N GLU A 411 -26.31 11.42 1.89
CA GLU A 411 -27.50 10.63 1.61
C GLU A 411 -27.16 9.14 1.55
N LYS A 412 -28.20 8.31 1.64
CA LYS A 412 -28.05 6.87 1.71
C LYS A 412 -28.90 6.19 0.65
N THR A 413 -28.40 5.06 0.14
CA THR A 413 -29.21 4.17 -0.68
C THR A 413 -28.94 2.73 -0.26
N SER A 414 -29.98 1.90 -0.27
CA SER A 414 -29.83 0.53 0.19
C SER A 414 -28.97 -0.28 -0.78
N LEU A 415 -28.16 -1.17 -0.22
CA LEU A 415 -27.34 -2.08 -1.02
C LEU A 415 -28.08 -3.35 -1.44
N LYS A 416 -29.32 -3.51 -1.00
CA LYS A 416 -30.18 -4.62 -1.43
C LYS A 416 -29.59 -5.98 -1.04
N GLY A 417 -29.37 -6.13 0.28
CA GLY A 417 -28.91 -7.38 0.84
C GLY A 417 -27.42 -7.52 1.00
N ARG A 418 -26.63 -6.62 0.42
CA ARG A 418 -25.17 -6.69 0.52
C ARG A 418 -24.72 -6.00 1.81
N LYS A 419 -23.82 -6.65 2.55
CA LYS A 419 -23.28 -6.11 3.78
C LYS A 419 -21.84 -5.66 3.56
N GLY A 420 -21.49 -4.50 4.12
CA GLY A 420 -20.17 -3.94 3.94
C GLY A 420 -20.11 -3.00 2.76
N GLU A 421 -19.91 -1.71 3.04
CA GLU A 421 -19.90 -0.72 1.96
C GLU A 421 -18.64 -0.81 1.10
N GLN A 422 -17.56 -1.40 1.62
CA GLN A 422 -16.41 -1.78 0.81
C GLN A 422 -16.20 -3.29 0.84
N SER A 423 -16.15 -3.89 2.03
CA SER A 423 -16.08 -5.33 2.20
C SER A 423 -16.44 -5.67 3.64
N TYR A 424 -17.33 -6.64 3.83
CA TYR A 424 -17.80 -6.97 5.18
C TYR A 424 -16.62 -7.38 6.06
N GLN A 425 -16.51 -6.76 7.23
CA GLN A 425 -15.35 -6.95 8.08
C GLN A 425 -15.67 -6.54 9.51
N ASP A 426 -15.32 -7.40 10.46
CA ASP A 426 -15.37 -7.09 11.89
C ASP A 426 -14.07 -7.55 12.55
N MET A 427 -12.94 -7.18 11.94
CA MET A 427 -11.68 -7.82 12.25
C MET A 427 -11.06 -7.25 13.52
N LYS A 428 -10.57 -8.15 14.37
CA LYS A 428 -9.85 -7.80 15.58
C LYS A 428 -8.48 -8.47 15.57
N SER A 429 -7.46 -7.71 15.95
CA SER A 429 -6.09 -8.22 15.98
C SER A 429 -5.39 -7.76 17.25
N ASP A 430 -4.50 -8.61 17.76
CA ASP A 430 -3.75 -8.31 18.97
C ASP A 430 -2.33 -8.85 18.79
N ASN A 431 -1.35 -7.95 18.77
CA ASN A 431 0.04 -8.31 18.55
C ASN A 431 0.91 -7.82 19.70
N ASP A 432 2.10 -8.40 19.81
CA ASP A 432 3.01 -8.07 20.88
C ASP A 432 4.46 -8.13 20.43
N ASN A 433 5.30 -7.38 21.15
CA ASN A 433 6.73 -7.35 20.87
C ASN A 433 7.45 -6.76 22.07
N TRP A 434 8.78 -6.86 22.02
CA TRP A 434 9.58 -6.34 23.12
C TRP A 434 11.03 -6.12 22.66
N ASN A 435 11.68 -5.12 23.25
CA ASN A 435 13.04 -4.77 22.87
C ASN A 435 13.88 -4.49 24.11
N ALA A 436 15.19 -4.63 23.93
CA ALA A 436 16.17 -4.33 24.96
C ALA A 436 17.36 -3.62 24.33
N THR A 437 17.95 -2.69 25.08
CA THR A 437 19.02 -1.83 24.60
C THR A 437 20.09 -1.70 25.67
N PHE A 438 21.35 -1.82 25.25
CA PHE A 438 22.50 -1.62 26.13
C PHE A 438 23.48 -0.67 25.47
N THR A 439 23.99 0.29 26.25
CA THR A 439 24.93 1.29 25.75
C THR A 439 26.03 1.51 26.79
N ALA A 440 27.27 1.55 26.31
CA ALA A 440 28.43 1.82 27.16
C ALA A 440 29.29 2.90 26.50
N ASN A 441 29.65 3.91 27.28
CA ASN A 441 30.49 5.00 26.81
C ASN A 441 31.77 5.04 27.64
N TYR A 442 32.88 5.33 26.96
CA TYR A 442 34.17 5.49 27.63
C TYR A 442 34.95 6.58 26.91
N HIS A 443 35.89 7.19 27.63
CA HIS A 443 36.71 8.21 27.01
C HIS A 443 38.02 8.37 27.77
N ILE A 444 39.09 8.61 27.03
CA ILE A 444 40.39 8.90 27.63
C ILE A 444 40.68 10.38 27.38
N GLY A 445 40.34 11.22 28.36
CA GLY A 445 40.42 12.64 28.12
C GLY A 445 39.37 13.08 27.11
N THR A 446 39.67 14.13 26.36
CA THR A 446 38.79 14.63 25.32
C THR A 446 39.20 14.17 23.92
N ALA A 447 40.38 13.57 23.78
CA ALA A 447 40.89 13.20 22.46
C ALA A 447 40.41 11.83 21.98
N HIS A 448 40.00 10.94 22.89
CA HIS A 448 39.62 9.58 22.53
C HIS A 448 38.26 9.26 23.13
N THR A 449 37.30 8.92 22.27
CA THR A 449 35.96 8.56 22.72
C THR A 449 35.54 7.22 22.12
N PHE A 450 34.94 6.35 22.94
CA PHE A 450 34.53 5.00 22.55
C PHE A 450 33.07 4.79 22.92
N VAL A 451 32.29 4.25 21.98
CA VAL A 451 30.89 3.93 22.20
C VAL A 451 30.62 2.50 21.76
N LEU A 452 29.95 1.73 22.62
CA LEU A 452 29.52 0.37 22.31
C LEU A 452 28.03 0.25 22.54
N ASN A 453 27.31 -0.35 21.60
CA ASN A 453 25.86 -0.43 21.68
C ASN A 453 25.37 -1.78 21.20
N HIS A 454 24.28 -2.26 21.79
CA HIS A 454 23.61 -3.47 21.31
C HIS A 454 22.10 -3.33 21.51
N VAL A 455 21.34 -3.74 20.50
CA VAL A 455 19.89 -3.69 20.54
C VAL A 455 19.33 -5.03 20.10
N LEU A 456 18.41 -5.58 20.90
CA LEU A 456 17.62 -6.76 20.56
C LEU A 456 16.17 -6.35 20.42
N ASN A 457 15.50 -6.87 19.39
CA ASN A 457 14.10 -6.52 19.13
C ASN A 457 13.37 -7.76 18.62
N THR A 458 12.29 -8.14 19.31
CA THR A 458 11.54 -9.35 18.97
C THR A 458 10.09 -8.97 18.71
N PHE A 459 9.54 -9.47 17.59
CA PHE A 459 8.18 -9.21 17.15
C PHE A 459 7.46 -10.54 16.95
N HIS A 460 6.19 -10.61 17.38
CA HIS A 460 5.37 -11.80 17.17
C HIS A 460 4.11 -11.40 16.40
N ARG A 461 4.11 -11.66 15.08
CA ARG A 461 3.00 -11.21 14.24
C ARG A 461 1.70 -11.93 14.60
N GLU A 462 1.79 -13.25 14.79
CA GLU A 462 0.65 -14.11 15.12
C GLU A 462 -0.27 -13.44 16.14
N ASN A 463 -1.55 -13.31 15.79
CA ASN A 463 -2.49 -12.61 16.65
C ASN A 463 -2.76 -13.49 17.86
N ALA A 474 0.23 -23.89 15.59
CA ALA A 474 1.30 -24.23 16.50
C ALA A 474 2.60 -23.55 16.12
N ILE A 475 2.70 -23.15 14.85
CA ILE A 475 3.87 -22.47 14.32
C ILE A 475 3.61 -20.97 14.34
N ALA A 476 4.49 -20.23 15.01
CA ALA A 476 4.34 -18.79 15.14
C ALA A 476 5.28 -18.08 14.18
N LYS A 477 4.81 -16.97 13.63
CA LYS A 477 5.60 -16.13 12.73
C LYS A 477 6.40 -15.17 13.60
N VAL A 478 7.68 -15.48 13.79
CA VAL A 478 8.52 -14.81 14.78
C VAL A 478 9.67 -14.10 14.06
N THR A 479 9.93 -12.86 14.45
CA THR A 479 11.09 -12.12 13.93
C THR A 479 11.93 -11.61 15.09
N ARG A 480 13.23 -11.92 15.05
CA ARG A 480 14.16 -11.48 16.11
C ARG A 480 15.37 -10.83 15.46
N LYS A 481 15.66 -9.60 15.87
CA LYS A 481 16.70 -8.80 15.24
C LYS A 481 17.71 -8.36 16.29
N ASN A 482 19.00 -8.52 15.97
CA ASN A 482 20.12 -8.18 16.84
C ASN A 482 21.05 -7.26 16.07
N ILE A 483 21.34 -6.09 16.62
CA ILE A 483 22.24 -5.14 15.99
C ILE A 483 23.28 -4.66 17.00
N THR A 484 24.54 -4.73 16.63
CA THR A 484 25.65 -4.31 17.48
C THR A 484 26.42 -3.19 16.80
N GLY A 485 26.89 -2.22 17.57
CA GLY A 485 27.66 -1.11 17.01
C GLY A 485 28.83 -0.67 17.86
N PHE A 486 29.92 -0.28 17.20
CA PHE A 486 31.10 0.23 17.90
C PHE A 486 31.62 1.45 17.16
N SER A 487 31.93 2.51 17.90
CA SER A 487 32.39 3.76 17.32
C SER A 487 33.56 4.32 18.12
N TYR A 488 34.47 4.98 17.41
CA TYR A 488 35.62 5.63 18.03
C TYR A 488 35.84 6.99 17.39
N ARG A 489 36.02 8.01 18.23
CA ARG A 489 36.31 9.36 17.78
C ARG A 489 37.67 9.81 18.28
N LEU A 490 38.43 10.44 17.38
CA LEU A 490 39.70 11.08 17.68
C LEU A 490 39.54 12.58 17.48
N MET A 491 39.83 13.35 18.54
CA MET A 491 39.75 14.80 18.54
C MET A 491 41.04 15.35 19.14
N PRO A 492 42.13 15.37 18.36
CA PRO A 492 43.40 15.86 18.91
C PRO A 492 43.47 17.36 19.10
N SER A 493 42.53 18.12 18.55
CA SER A 493 42.54 19.58 18.67
C SER A 493 41.11 20.08 18.48
N GLU A 494 40.95 21.39 18.62
CA GLU A 494 39.65 22.02 18.39
C GLU A 494 39.42 22.35 16.92
N HIS A 495 40.37 22.06 16.04
CA HIS A 495 40.25 22.39 14.62
C HIS A 495 39.57 21.30 13.81
N TRP A 496 39.74 20.04 14.18
CA TRP A 496 39.17 18.95 13.40
C TRP A 496 38.98 17.72 14.29
N ASN A 497 38.04 16.88 13.87
CA ASN A 497 37.88 15.58 14.54
C ASN A 497 37.33 14.56 13.54
N LEU A 498 37.57 13.29 13.85
CA LEU A 498 37.22 12.20 12.95
C LEU A 498 36.68 11.01 13.74
N SER A 499 35.62 10.40 13.20
CA SER A 499 34.96 9.26 13.82
C SER A 499 34.88 8.11 12.82
N VAL A 500 35.13 6.90 13.30
CA VAL A 500 34.98 5.69 12.51
C VAL A 500 34.13 4.70 13.28
N PHE A 501 33.21 4.01 12.59
CA PHE A 501 32.31 3.10 13.28
C PHE A 501 31.98 1.90 12.41
N GLY A 502 31.64 0.81 13.07
CA GLY A 502 31.20 -0.39 12.41
C GLY A 502 30.02 -1.02 13.13
N LYS A 503 29.13 -1.63 12.34
CA LYS A 503 27.90 -2.22 12.85
C LYS A 503 27.73 -3.63 12.29
N TYR A 504 27.09 -4.48 13.08
CA TYR A 504 26.82 -5.86 12.71
C TYR A 504 25.32 -6.11 12.83
N TYR A 505 24.70 -6.57 11.75
CA TYR A 505 23.28 -6.81 11.67
C TYR A 505 23.01 -8.31 11.56
N ASN A 506 22.03 -8.79 12.33
CA ASN A 506 21.65 -10.20 12.28
C ASN A 506 20.16 -10.32 12.51
N GLN A 507 19.45 -10.96 11.58
CA GLN A 507 18.02 -11.18 11.70
C GLN A 507 17.70 -12.66 11.57
N TYR A 508 16.76 -13.11 12.40
CA TYR A 508 16.23 -14.47 12.37
C TYR A 508 14.74 -14.39 12.13
N ASN A 509 14.25 -15.13 11.14
CA ASN A 509 12.85 -15.17 10.78
C ASN A 509 12.36 -16.61 10.84
N ALA A 510 11.14 -16.82 11.32
CA ALA A 510 10.56 -18.17 11.38
C ALA A 510 9.09 -18.11 11.02
N GLY A 511 8.67 -19.05 10.17
CA GLY A 511 7.28 -19.11 9.74
C GLY A 511 6.81 -20.47 9.29
N PRO A 512 5.49 -20.65 9.20
CA PRO A 512 4.94 -21.91 8.67
C PRO A 512 4.92 -21.92 7.15
N VAL A 513 5.31 -23.07 6.59
CA VAL A 513 5.26 -23.28 5.15
C VAL A 513 4.68 -24.65 4.86
N SER A 514 4.01 -24.77 3.72
CA SER A 514 3.30 -25.98 3.36
C SER A 514 3.91 -26.64 2.14
N ALA A 515 3.75 -27.97 2.07
CA ALA A 515 4.24 -28.78 0.95
C ALA A 515 3.11 -29.74 0.56
N SER A 516 2.27 -29.30 -0.36
CA SER A 516 1.12 -30.09 -0.81
C SER A 516 0.72 -29.61 -2.20
N THR A 517 -0.25 -30.32 -2.79
CA THR A 517 -0.73 -29.95 -4.12
C THR A 517 -1.34 -28.56 -4.11
N SER A 518 -2.14 -28.24 -3.09
CA SER A 518 -2.68 -26.89 -2.91
C SER A 518 -1.95 -26.12 -1.82
N GLY A 519 -1.09 -26.78 -1.05
CA GLY A 519 -0.31 -26.09 -0.03
C GLY A 519 -1.13 -25.53 1.11
N THR A 520 -2.16 -26.26 1.56
CA THR A 520 -3.00 -25.77 2.65
C THR A 520 -3.33 -26.86 3.67
N SER A 521 -2.61 -27.99 3.66
CA SER A 521 -2.91 -29.10 4.56
C SER A 521 -1.79 -29.40 5.54
N ASN A 522 -0.57 -29.63 5.05
CA ASN A 522 0.56 -29.99 5.90
C ASN A 522 1.48 -28.79 6.05
N TYR A 523 1.85 -28.49 7.29
CA TYR A 523 2.68 -27.33 7.60
C TYR A 523 3.90 -27.73 8.40
N VAL A 524 5.01 -27.04 8.14
CA VAL A 524 6.27 -27.24 8.84
C VAL A 524 6.90 -25.89 9.14
N ARG A 525 7.86 -25.89 10.06
CA ARG A 525 8.63 -24.71 10.38
C ARG A 525 9.72 -24.47 9.35
N LEU A 526 9.85 -23.21 8.93
CA LEU A 526 10.94 -22.81 8.05
C LEU A 526 11.61 -21.58 8.66
N THR A 527 12.92 -21.66 8.84
CA THR A 527 13.72 -20.62 9.47
C THR A 527 14.62 -19.96 8.44
N ASN A 528 15.07 -18.75 8.78
CA ASN A 528 15.89 -17.95 7.89
C ASN A 528 16.82 -17.07 8.73
N ASN A 529 18.05 -16.89 8.25
CA ASN A 529 19.05 -16.08 8.94
C ASN A 529 19.71 -15.16 7.93
N VAL A 530 19.78 -13.87 8.24
CA VAL A 530 20.44 -12.89 7.39
C VAL A 530 21.42 -12.10 8.24
N SER A 531 22.67 -12.00 7.79
CA SER A 531 23.69 -11.26 8.50
C SER A 531 24.43 -10.33 7.56
N SER A 532 24.84 -9.17 8.08
CA SER A 532 25.56 -8.20 7.26
C SER A 532 26.41 -7.32 8.15
N VAL A 533 27.37 -6.64 7.52
CA VAL A 533 28.30 -5.75 8.20
C VAL A 533 28.22 -4.38 7.55
N GLY A 534 27.96 -3.35 8.36
CA GLY A 534 27.97 -1.98 7.89
C GLY A 534 29.11 -1.20 8.49
N TYR A 535 29.46 -0.07 7.87
CA TYR A 535 30.60 0.71 8.35
C TYR A 535 30.46 2.14 7.85
N GLY A 536 31.17 3.05 8.53
CA GLY A 536 31.10 4.44 8.11
C GLY A 536 32.12 5.29 8.84
N ALA A 537 32.22 6.53 8.36
CA ALA A 537 33.15 7.50 8.91
C ALA A 537 32.53 8.89 8.81
N ALA A 538 33.02 9.80 9.65
CA ALA A 538 32.50 11.16 9.69
C ALA A 538 33.57 12.09 10.23
N GLY A 539 33.93 13.10 9.45
CA GLY A 539 34.96 14.04 9.86
C GLY A 539 34.52 15.47 9.67
N THR A 540 35.04 16.34 10.54
CA THR A 540 34.76 17.77 10.40
C THR A 540 36.04 18.56 10.64
N TYR A 541 36.14 19.68 9.92
CA TYR A 541 37.29 20.57 9.97
C TYR A 541 36.81 22.01 10.05
N PHE A 542 37.40 22.78 10.96
CA PHE A 542 37.05 24.19 11.17
C PHE A 542 38.08 25.03 10.41
N ILE A 543 37.72 25.46 9.20
CA ILE A 543 38.64 26.25 8.38
C ILE A 543 38.93 27.59 9.04
N LEU A 544 37.89 28.27 9.52
CA LEU A 544 38.05 29.54 10.20
C LEU A 544 37.34 29.52 11.55
N SER A 545 37.23 30.69 12.19
CA SER A 545 36.58 30.74 13.50
C SER A 545 35.13 30.30 13.44
N GLY A 546 34.40 30.76 12.43
CA GLY A 546 33.00 30.40 12.26
C GLY A 546 32.67 29.56 11.05
N LEU A 547 33.67 29.04 10.33
CA LEU A 547 33.45 28.27 9.12
C LEU A 547 33.78 26.81 9.39
N GLN A 548 32.83 25.91 9.06
CA GLN A 548 32.96 24.50 9.33
C GLN A 548 32.63 23.69 8.09
N ALA A 549 33.37 22.60 7.87
CA ALA A 549 33.14 21.71 6.74
C ALA A 549 33.04 20.27 7.26
N LYS A 550 31.97 19.58 6.87
CA LYS A 550 31.68 18.22 7.30
C LYS A 550 31.67 17.27 6.11
N LEU A 551 32.12 16.04 6.35
CA LEU A 551 32.11 14.98 5.34
C LEU A 551 31.78 13.66 6.02
N SER A 552 30.73 12.99 5.54
CA SER A 552 30.28 11.75 6.17
C SER A 552 29.97 10.68 5.13
N TYR A 553 30.12 9.42 5.53
CA TYR A 553 29.82 8.28 4.67
C TYR A 553 29.35 7.12 5.52
N GLU A 554 28.34 6.39 5.02
CA GLU A 554 27.89 5.16 5.66
C GLU A 554 27.42 4.17 4.60
N LYS A 555 27.53 2.87 4.92
CA LYS A 555 26.92 1.81 4.13
C LYS A 555 25.81 1.19 4.96
N ALA A 556 24.57 1.42 4.56
CA ALA A 556 23.41 1.07 5.37
C ALA A 556 22.62 -0.09 4.76
N TYR A 557 21.81 -0.74 5.60
CA TYR A 557 21.05 -1.91 5.22
C TYR A 557 19.61 -1.79 5.71
N ARG A 558 18.73 -2.52 5.03
CA ARG A 558 17.34 -2.74 5.45
C ARG A 558 17.08 -4.23 5.33
N LEU A 559 16.88 -4.89 6.44
CA LEU A 559 16.77 -6.34 6.49
C LEU A 559 15.36 -6.80 6.08
N PRO A 560 15.26 -7.96 5.43
CA PRO A 560 13.95 -8.43 4.95
C PRO A 560 13.03 -8.81 6.11
N THR A 561 11.73 -8.70 5.86
CA THR A 561 10.70 -8.97 6.85
C THR A 561 10.15 -10.39 6.70
N ASN A 562 9.41 -10.81 7.73
CA ASN A 562 8.83 -12.14 7.71
C ASN A 562 7.79 -12.30 6.61
N GLU A 563 6.99 -11.25 6.37
CA GLU A 563 5.94 -11.35 5.36
C GLU A 563 6.52 -11.49 3.96
N GLU A 564 7.63 -10.79 3.69
CA GLU A 564 8.26 -10.92 2.38
C GLU A 564 8.87 -12.30 2.19
N LEU A 565 9.46 -12.85 3.25
CA LEU A 565 10.14 -14.14 3.13
C LEU A 565 9.14 -15.29 3.02
N PHE A 566 8.09 -15.28 3.83
CA PHE A 566 7.16 -16.39 3.96
C PHE A 566 5.74 -16.01 3.59
N GLY A 567 5.58 -15.02 2.69
CA GLY A 567 4.25 -14.63 2.28
C GLY A 567 3.52 -15.70 1.49
N ASP A 568 4.24 -16.36 0.57
CA ASP A 568 3.64 -17.42 -0.23
C ASP A 568 3.26 -18.63 0.60
N GLU A 569 3.90 -18.83 1.75
CA GLU A 569 3.65 -19.99 2.62
C GLU A 569 3.90 -21.30 1.89
N ASP A 570 4.86 -21.31 0.97
CA ASP A 570 5.24 -22.49 0.22
C ASP A 570 6.65 -22.92 0.61
N LEU A 571 6.83 -24.23 0.78
CA LEU A 571 8.12 -24.75 1.26
C LEU A 571 9.25 -24.43 0.27
N GLU A 572 9.01 -24.64 -1.02
CA GLU A 572 10.07 -24.45 -2.00
C GLU A 572 10.35 -22.97 -2.24
N LEU A 573 9.30 -22.15 -2.26
CA LEU A 573 9.50 -20.71 -2.44
C LEU A 573 10.15 -20.07 -1.22
N GLY A 574 9.95 -20.67 -0.04
CA GLY A 574 10.55 -20.10 1.16
C GLY A 574 12.06 -20.22 1.18
N LYS A 575 12.61 -21.29 0.63
CA LYS A 575 14.06 -21.51 0.65
C LYS A 575 14.82 -20.53 -0.24
N ILE A 576 14.13 -19.79 -1.11
CA ILE A 576 14.83 -18.88 -2.01
C ILE A 576 15.51 -17.76 -1.21
N GLY A 577 14.78 -17.17 -0.27
CA GLY A 577 15.32 -16.12 0.57
C GLY A 577 15.41 -14.79 -0.15
N LEU A 578 15.78 -13.77 0.61
CA LEU A 578 15.93 -12.42 0.09
C LEU A 578 17.17 -11.77 0.70
N ASN A 579 17.91 -11.04 -0.13
CA ASN A 579 19.01 -10.24 0.38
C ASN A 579 18.50 -8.92 0.96
N PRO A 580 19.17 -8.39 1.98
CA PRO A 580 18.77 -7.08 2.51
C PRO A 580 19.05 -5.97 1.51
N GLU A 581 18.19 -4.96 1.52
CA GLU A 581 18.42 -3.78 0.70
C GLU A 581 19.63 -3.03 1.23
N LYS A 582 20.43 -2.46 0.32
CA LYS A 582 21.65 -1.79 0.75
C LYS A 582 21.77 -0.42 0.09
N SER A 583 22.47 0.48 0.77
CA SER A 583 22.61 1.85 0.30
C SER A 583 23.97 2.42 0.66
N ASP A 584 24.53 3.20 -0.26
CA ASP A 584 25.73 3.99 -0.03
C ASP A 584 25.30 5.45 0.16
N ASN A 585 25.65 6.02 1.32
CA ASN A 585 25.23 7.37 1.67
C ASN A 585 26.46 8.24 1.87
N LEU A 586 26.50 9.38 1.17
CA LEU A 586 27.60 10.34 1.26
C LEU A 586 27.04 11.73 1.47
N ASN A 587 27.64 12.47 2.42
CA ASN A 587 27.17 13.79 2.82
C ASN A 587 28.34 14.77 2.86
N PHE A 588 28.11 15.98 2.36
CA PHE A 588 29.06 17.07 2.50
C PHE A 588 28.32 18.32 2.95
N ASN A 589 28.87 19.05 3.93
CA ASN A 589 28.23 20.26 4.43
C ASN A 589 29.27 21.36 4.60
N LEU A 590 28.82 22.60 4.42
CA LEU A 590 29.63 23.77 4.71
C LEU A 590 28.75 24.82 5.37
N SER A 591 29.13 25.23 6.58
CA SER A 591 28.33 26.14 7.38
C SER A 591 29.17 27.32 7.86
N TYR A 592 28.57 28.51 7.85
CA TYR A 592 29.19 29.73 8.31
C TYR A 592 28.27 30.39 9.34
N ASN A 593 28.84 30.77 10.48
CA ASN A 593 28.10 31.41 11.56
C ASN A 593 28.90 32.61 12.04
N ARG A 594 28.22 33.74 12.25
CA ARG A 594 28.94 34.92 12.70
C ARG A 594 28.02 35.85 13.48
N GLN A 595 28.62 36.57 14.42
CA GLN A 595 27.96 37.62 15.18
C GLN A 595 28.70 38.92 14.92
N LEU A 596 27.99 39.92 14.40
CA LEU A 596 28.53 41.22 14.03
C LEU A 596 27.73 42.27 14.78
N GLY A 597 28.18 42.58 16.00
CA GLY A 597 27.44 43.52 16.83
C GLY A 597 26.07 42.97 17.16
N LYS A 598 25.03 43.72 16.78
CA LYS A 598 23.66 43.27 16.99
C LYS A 598 23.17 42.34 15.89
N HIS A 599 23.92 42.20 14.79
CA HIS A 599 23.52 41.35 13.69
C HIS A 599 24.02 39.93 13.95
N GLY A 600 23.17 38.93 13.72
CA GLY A 600 23.58 37.55 13.83
C GLY A 600 23.23 36.80 12.56
N LEU A 601 24.19 36.10 11.97
CA LEU A 601 23.97 35.46 10.69
C LEU A 601 24.40 34.01 10.74
N TYR A 602 23.60 33.14 10.12
CA TYR A 602 23.94 31.73 9.97
C TYR A 602 23.51 31.26 8.59
N VAL A 603 24.46 30.70 7.83
CA VAL A 603 24.21 30.19 6.49
C VAL A 603 24.77 28.78 6.41
N GLU A 604 24.03 27.86 5.79
CA GLU A 604 24.51 26.50 5.59
C GLU A 604 24.14 26.01 4.21
N THR A 605 25.05 25.28 3.57
CA THR A 605 24.75 24.59 2.32
C THR A 605 25.21 23.14 2.43
N GLY A 606 24.51 22.26 1.74
CA GLY A 606 24.79 20.84 1.84
C GLY A 606 24.50 20.07 0.57
N LEU A 607 25.29 19.03 0.34
CA LEU A 607 25.16 18.10 -0.78
C LEU A 607 24.98 16.68 -0.26
N ILE A 608 24.07 15.94 -0.89
CA ILE A 608 23.75 14.56 -0.53
C ILE A 608 23.84 13.67 -1.76
N TYR A 609 24.37 12.46 -1.57
CA TYR A 609 24.39 11.43 -2.60
C TYR A 609 23.95 10.11 -1.99
N ARG A 610 22.91 9.51 -2.57
CA ARG A 610 22.41 8.20 -2.19
C ARG A 610 22.46 7.25 -3.37
N ASN A 611 22.93 6.03 -3.13
CA ASN A 611 22.98 4.98 -4.15
C ASN A 611 22.40 3.70 -3.54
N THR A 612 21.16 3.36 -3.89
CA THR A 612 20.46 2.26 -3.25
C THR A 612 20.21 1.13 -4.23
N SER A 613 20.42 -0.10 -3.76
CA SER A 613 20.24 -1.28 -4.59
C SER A 613 19.62 -2.41 -3.76
N ASP A 614 19.14 -3.43 -4.49
CA ASP A 614 18.52 -4.62 -3.92
C ASP A 614 17.18 -4.29 -3.24
N TYR A 615 16.42 -3.38 -3.84
CA TYR A 615 15.07 -3.10 -3.37
C TYR A 615 14.21 -4.35 -3.48
N ILE A 616 13.39 -4.59 -2.46
CA ILE A 616 12.49 -5.74 -2.45
C ILE A 616 11.16 -5.28 -3.01
N TYR A 617 10.84 -5.72 -4.23
CA TYR A 617 9.61 -5.32 -4.90
C TYR A 617 8.69 -6.51 -5.12
N ARG A 618 7.41 -6.18 -5.31
CA ARG A 618 6.43 -7.14 -5.77
C ARG A 618 6.83 -7.71 -7.12
N SER A 619 6.59 -9.01 -7.29
CA SER A 619 6.87 -9.68 -8.56
C SER A 619 5.66 -9.57 -9.49
N ILE A 620 5.94 -9.56 -10.78
CA ILE A 620 4.90 -9.51 -11.80
C ILE A 620 4.28 -10.90 -11.93
N GLU A 621 2.96 -10.94 -12.11
CA GLU A 621 2.25 -12.21 -12.24
C GLU A 621 2.58 -12.84 -13.58
N THR A 622 3.09 -14.08 -13.54
CA THR A 622 3.48 -14.80 -14.74
C THR A 622 2.95 -16.23 -14.68
N THR A 623 2.99 -16.90 -15.84
CA THR A 623 2.65 -18.31 -15.95
C THR A 623 3.79 -19.10 -16.60
N SER A 624 5.02 -18.67 -16.38
CA SER A 624 6.17 -19.33 -16.97
C SER A 624 6.38 -20.71 -16.34
N ASN A 625 7.20 -21.53 -17.00
CA ASN A 625 7.53 -22.84 -16.47
C ASN A 625 8.29 -22.76 -15.15
N ARG A 626 8.90 -21.61 -14.87
CA ARG A 626 9.64 -21.41 -13.62
C ARG A 626 8.77 -20.67 -12.63
N SER A 627 8.83 -21.07 -11.37
CA SER A 627 8.05 -20.46 -10.31
C SER A 627 8.89 -19.42 -9.57
N TYR A 628 8.26 -18.29 -9.25
CA TYR A 628 8.94 -17.20 -8.57
C TYR A 628 8.14 -16.80 -7.34
N GLY A 629 8.85 -16.25 -6.35
CA GLY A 629 8.20 -15.77 -5.15
C GLY A 629 7.50 -14.44 -5.37
N SER A 630 6.71 -14.05 -4.37
CA SER A 630 5.94 -12.82 -4.47
C SER A 630 6.80 -11.57 -4.37
N TYR A 631 8.03 -11.69 -3.86
CA TYR A 631 8.94 -10.57 -3.74
C TYR A 631 10.30 -10.94 -4.32
N SER A 632 11.04 -9.92 -4.76
CA SER A 632 12.39 -10.16 -5.25
C SER A 632 13.25 -8.94 -5.01
N ASN A 633 14.56 -9.18 -4.93
CA ASN A 633 15.57 -8.13 -4.83
C ASN A 633 15.78 -7.57 -6.24
N TYR A 634 14.97 -6.57 -6.58
CA TYR A 634 15.02 -5.95 -7.89
C TYR A 634 14.64 -4.48 -7.73
N GLY A 635 15.58 -3.59 -8.02
CA GLY A 635 15.33 -2.17 -7.86
C GLY A 635 16.55 -1.40 -7.40
N SER A 636 16.81 -0.27 -8.07
CA SER A 636 17.96 0.57 -7.75
C SER A 636 17.58 2.02 -7.99
N VAL A 637 17.97 2.89 -7.07
CA VAL A 637 17.61 4.30 -7.11
C VAL A 637 18.86 5.13 -6.86
N GLU A 638 19.06 6.16 -7.67
CA GLU A 638 20.20 7.07 -7.50
C GLU A 638 19.67 8.47 -7.20
N THR A 639 20.12 9.04 -6.08
CA THR A 639 19.60 10.32 -5.59
C THR A 639 20.76 11.30 -5.44
N LYS A 640 20.59 12.49 -6.01
CA LYS A 640 21.54 13.58 -5.83
C LYS A 640 20.79 14.83 -5.39
N GLY A 641 21.31 15.53 -4.39
CA GLY A 641 20.55 16.69 -3.97
C GLY A 641 21.38 17.71 -3.23
N TYR A 642 20.78 18.90 -3.08
CA TYR A 642 21.42 19.95 -2.30
C TYR A 642 20.36 20.73 -1.53
N HIS A 643 20.82 21.39 -0.46
CA HIS A 643 19.95 22.20 0.38
C HIS A 643 20.68 23.46 0.81
N ILE A 644 19.89 24.51 1.05
CA ILE A 644 20.38 25.80 1.53
C ILE A 644 19.52 26.23 2.72
N SER A 645 20.16 26.74 3.77
CA SER A 645 19.46 27.20 4.95
C SER A 645 20.05 28.53 5.42
N ALA A 646 19.18 29.45 5.82
CA ALA A 646 19.64 30.76 6.28
C ALA A 646 18.82 31.22 7.47
N ARG A 647 19.49 31.97 8.36
CA ARG A 647 18.85 32.48 9.58
C ARG A 647 19.56 33.78 9.97
N TYR A 648 18.83 34.89 9.91
CA TYR A 648 19.31 36.21 10.31
C TYR A 648 18.53 36.69 11.52
N ASN A 649 19.24 37.25 12.49
CA ASN A 649 18.64 37.80 13.70
C ASN A 649 19.17 39.21 13.90
N TYR A 650 18.31 40.13 14.31
CA TYR A 650 18.78 41.44 14.74
C TYR A 650 18.35 41.66 16.18
N SER A 651 19.34 41.84 17.06
CA SER A 651 19.10 42.03 18.49
C SER A 651 18.20 40.92 19.02
N CYS A 652 17.01 41.29 19.48
CA CYS A 652 16.06 40.30 19.97
C CYS A 652 14.62 40.64 19.58
N TRP A 653 14.43 41.32 18.44
CA TRP A 653 13.09 41.71 18.03
C TRP A 653 12.74 41.36 16.59
N VAL A 654 13.67 40.83 15.81
CA VAL A 654 13.35 40.38 14.45
C VAL A 654 14.23 39.18 14.11
N SER A 655 13.57 38.11 13.66
CA SER A 655 14.24 36.88 13.24
C SER A 655 13.66 36.43 11.90
N ILE A 656 14.52 36.19 10.92
CA ILE A 656 14.09 35.77 9.60
C ILE A 656 14.85 34.50 9.24
N GLY A 657 14.16 33.55 8.59
CA GLY A 657 14.84 32.31 8.25
C GLY A 657 14.14 31.56 7.14
N GLY A 658 14.88 30.64 6.54
CA GLY A 658 14.33 29.85 5.45
C GLY A 658 15.18 28.65 5.09
N ASN A 659 14.53 27.68 4.46
CA ASN A 659 15.17 26.48 3.93
C ASN A 659 14.68 26.22 2.51
N PHE A 660 15.60 25.73 1.67
CA PHE A 660 15.32 25.34 0.30
C PHE A 660 15.96 23.97 0.03
N THR A 661 15.22 23.08 -0.61
CA THR A 661 15.68 21.73 -0.92
C THR A 661 15.40 21.41 -2.37
N GLN A 662 16.43 20.96 -3.10
CA GLN A 662 16.28 20.56 -4.50
C GLN A 662 17.05 19.26 -4.70
N MET A 663 16.33 18.21 -5.10
CA MET A 663 16.93 16.90 -5.29
C MET A 663 16.37 16.25 -6.55
N ASP A 664 17.15 15.36 -7.16
CA ASP A 664 16.69 14.50 -8.24
C ASP A 664 16.88 13.04 -7.85
N VAL A 665 15.82 12.25 -8.06
CA VAL A 665 15.75 10.86 -7.63
C VAL A 665 15.41 10.04 -8.87
N ARG A 666 16.41 9.31 -9.38
CA ARG A 666 16.31 8.66 -10.68
C ARG A 666 16.20 7.15 -10.53
N ASP A 667 15.30 6.56 -11.31
CA ASP A 667 15.27 5.12 -11.48
C ASP A 667 16.56 4.65 -12.12
N ASN A 668 17.18 3.65 -11.51
CA ASN A 668 18.55 3.25 -11.87
C ASN A 668 18.62 1.79 -12.28
N VAL A 669 17.54 1.25 -12.86
CA VAL A 669 17.48 -0.13 -13.31
C VAL A 669 17.38 -0.11 -14.83
N GLU A 670 18.37 -0.71 -15.50
CA GLU A 670 18.43 -0.66 -16.96
C GLU A 670 17.42 -1.60 -17.61
N LYS A 671 17.29 -2.83 -17.11
CA LYS A 671 16.47 -3.85 -17.74
C LYS A 671 15.22 -4.13 -16.92
N THR A 672 14.25 -4.76 -17.57
CA THR A 672 13.02 -5.17 -16.90
C THR A 672 13.22 -6.55 -16.27
N GLN A 673 12.17 -7.03 -15.59
CA GLN A 673 12.26 -8.34 -14.94
C GLN A 673 12.34 -9.47 -15.96
N THR A 674 11.81 -9.26 -17.17
CA THR A 674 11.88 -10.25 -18.22
C THR A 674 13.05 -10.05 -19.18
N GLY A 675 13.88 -9.03 -18.95
CA GLY A 675 15.11 -8.85 -19.69
C GLY A 675 15.11 -7.81 -20.78
N GLN A 676 14.06 -6.99 -20.88
CA GLN A 676 13.99 -5.95 -21.90
C GLN A 676 14.47 -4.62 -21.35
N GLU A 677 14.87 -3.74 -22.26
CA GLU A 677 15.27 -2.39 -21.88
C GLU A 677 14.11 -1.67 -21.19
N SER A 678 14.39 -1.04 -20.05
CA SER A 678 13.36 -0.39 -19.27
C SER A 678 13.03 0.97 -19.86
N LEU A 679 11.72 1.28 -19.92
CA LEU A 679 11.28 2.56 -20.45
C LEU A 679 11.53 3.70 -19.47
N THR A 680 11.54 3.41 -18.17
CA THR A 680 11.66 4.43 -17.14
C THR A 680 13.08 4.56 -16.60
N TYR A 681 14.05 3.94 -17.25
CA TYR A 681 15.44 4.02 -16.78
C TYR A 681 15.96 5.44 -16.93
N GLY A 682 16.53 5.98 -15.85
CA GLY A 682 17.06 7.33 -15.87
C GLY A 682 16.06 8.42 -15.65
N ALA A 683 14.80 8.09 -15.37
CA ALA A 683 13.75 9.08 -15.18
C ALA A 683 13.48 9.29 -13.69
N ARG A 684 12.85 10.43 -13.39
CA ARG A 684 12.52 10.77 -12.01
C ARG A 684 11.56 9.74 -11.42
N MET A 685 11.77 9.42 -10.16
CA MET A 685 10.91 8.48 -9.44
C MET A 685 9.54 9.12 -9.23
N PRO A 686 8.46 8.50 -9.67
CA PRO A 686 7.15 9.17 -9.64
C PRO A 686 6.55 9.22 -8.25
N ASN A 687 5.53 10.09 -8.12
CA ASN A 687 4.77 10.26 -6.87
C ASN A 687 5.71 10.64 -5.72
N LEU A 688 6.57 11.61 -5.96
CA LEU A 688 7.56 12.02 -4.97
C LEU A 688 7.94 13.48 -5.17
N PRO A 689 7.54 14.38 -4.27
CA PRO A 689 7.99 15.77 -4.37
C PRO A 689 9.50 15.88 -4.23
N TYR A 690 10.10 16.76 -5.03
CA TYR A 690 11.55 16.85 -5.10
C TYR A 690 12.12 18.27 -4.98
N ARG A 691 11.28 19.30 -4.98
CA ARG A 691 11.73 20.66 -4.72
C ARG A 691 10.75 21.31 -3.77
N PHE A 692 11.25 21.80 -2.62
CA PHE A 692 10.35 22.47 -1.71
C PHE A 692 11.12 23.44 -0.83
N ALA A 693 10.39 24.39 -0.25
CA ALA A 693 10.99 25.44 0.55
C ALA A 693 10.03 25.89 1.63
N ASN A 694 10.59 26.53 2.66
CA ASN A 694 9.77 27.09 3.72
C ASN A 694 10.47 28.31 4.29
N SER A 695 9.70 29.27 4.78
CA SER A 695 10.30 30.49 5.30
C SER A 695 9.44 31.07 6.42
N ASP A 696 10.07 31.84 7.30
CA ASP A 696 9.35 32.44 8.42
C ASP A 696 10.03 33.73 8.87
N ILE A 697 9.21 34.63 9.43
CA ILE A 697 9.67 35.86 10.05
C ILE A 697 8.93 36.05 11.36
N SER A 698 9.67 36.41 12.41
CA SER A 698 9.11 36.59 13.75
C SER A 698 9.53 37.94 14.32
N PHE A 699 8.56 38.61 14.95
CA PHE A 699 8.76 39.88 15.62
C PHE A 699 8.45 39.71 17.10
N PHE A 700 9.28 40.35 17.93
CA PHE A 700 9.23 40.20 19.38
C PHE A 700 9.17 41.58 20.03
N TRP A 701 8.20 41.78 20.91
CA TRP A 701 8.10 42.98 21.73
C TRP A 701 8.17 42.54 23.19
N ARG A 702 9.33 42.70 23.81
CA ARG A 702 9.49 42.30 25.20
C ARG A 702 9.16 43.49 26.10
N ASN A 703 8.77 43.17 27.34
CA ASN A 703 8.41 44.19 28.34
C ASN A 703 7.34 45.12 27.78
N LEU A 704 6.36 44.54 27.09
CA LEU A 704 5.36 45.32 26.37
C LEU A 704 4.53 46.18 27.31
N TRP A 705 3.77 45.55 28.19
CA TRP A 705 2.88 46.26 29.11
C TRP A 705 3.38 46.27 30.54
N LYS A 706 4.09 45.21 30.95
CA LYS A 706 4.93 45.22 32.15
C LYS A 706 6.17 44.40 31.87
N LYS A 707 7.18 44.56 32.73
CA LYS A 707 8.40 43.76 32.61
C LYS A 707 8.06 42.28 32.76
N GLY A 708 8.61 41.46 31.87
CA GLY A 708 8.34 40.04 31.85
C GLY A 708 7.22 39.60 30.91
N ASN A 709 6.48 40.54 30.34
CA ASN A 709 5.43 40.23 29.38
C ASN A 709 5.96 40.46 27.97
N THR A 710 5.71 39.50 27.08
CA THR A 710 6.22 39.60 25.71
C THR A 710 5.12 39.28 24.70
N LEU A 711 5.22 39.91 23.54
CA LEU A 711 4.31 39.72 22.43
C LEU A 711 5.09 39.21 21.22
N THR A 712 4.62 38.13 20.62
CA THR A 712 5.25 37.52 19.46
C THR A 712 4.28 37.50 18.29
N VAL A 713 4.76 37.92 17.12
CA VAL A 713 4.00 37.82 15.88
C VAL A 713 4.84 37.05 14.88
N THR A 714 4.31 35.93 14.39
CA THR A 714 5.06 35.02 13.52
C THR A 714 4.30 34.81 12.22
N TYR A 715 5.01 34.96 11.10
CA TYR A 715 4.52 34.65 9.77
C TYR A 715 5.31 33.49 9.19
N ASP A 716 4.62 32.57 8.52
CA ASP A 716 5.22 31.36 8.00
C ASP A 716 4.67 31.09 6.61
N ASN A 717 5.46 30.40 5.78
CA ASN A 717 4.96 29.99 4.47
C ASN A 717 5.67 28.73 4.01
N MET A 718 4.94 27.95 3.20
CA MET A 718 5.40 26.68 2.65
C MET A 718 5.19 26.66 1.14
N TYR A 719 6.20 26.15 0.42
CA TYR A 719 6.19 26.02 -1.04
C TYR A 719 6.53 24.59 -1.42
N VAL A 720 5.70 23.99 -2.26
CA VAL A 720 5.92 22.65 -2.79
C VAL A 720 5.75 22.69 -4.31
N HIS A 721 6.71 22.11 -5.03
CA HIS A 721 6.62 22.04 -6.48
C HIS A 721 5.80 20.81 -6.90
N GLY A 722 5.04 20.97 -7.99
CA GLY A 722 4.17 19.90 -8.43
C GLY A 722 4.94 18.73 -9.02
N PHE A 723 4.34 17.55 -8.92
CA PHE A 723 4.92 16.31 -9.40
C PHE A 723 3.83 15.41 -9.95
N PRO A 724 4.16 14.52 -10.87
CA PRO A 724 3.16 13.60 -11.42
C PRO A 724 2.94 12.38 -10.53
N LEU A 725 1.77 11.77 -10.74
CA LEU A 725 1.43 10.55 -9.99
C LEU A 725 2.16 9.33 -10.56
N TYR A 726 2.34 9.28 -11.87
CA TYR A 726 3.01 8.17 -12.55
C TYR A 726 4.26 8.69 -13.25
N SER A 727 5.01 7.77 -13.86
CA SER A 727 6.31 8.10 -14.44
C SER A 727 6.18 9.24 -15.45
N GLU A 728 7.05 10.24 -15.33
CA GLU A 728 6.96 11.44 -16.14
C GLU A 728 7.18 11.19 -17.61
N ALA A 729 7.82 10.09 -17.97
CA ALA A 729 8.20 9.83 -19.36
C ALA A 729 7.14 9.07 -20.14
N LEU A 730 6.01 8.73 -19.52
CA LEU A 730 5.01 7.87 -20.14
C LEU A 730 3.66 8.59 -20.20
N GLY A 731 2.97 8.43 -21.31
CA GLY A 731 1.61 8.93 -21.46
C GLY A 731 1.56 10.38 -21.89
N ALA A 732 0.53 10.71 -22.67
CA ALA A 732 0.32 12.08 -23.10
C ALA A 732 0.15 12.98 -21.89
N VAL A 733 0.75 14.17 -21.95
CA VAL A 733 0.83 15.04 -20.78
C VAL A 733 -0.57 15.47 -20.32
N GLU A 734 -1.48 15.70 -21.26
CA GLU A 734 -2.82 16.16 -20.90
C GLU A 734 -3.67 15.08 -20.25
N THR A 735 -3.24 13.81 -20.30
CA THR A 735 -3.98 12.71 -19.69
C THR A 735 -3.37 12.22 -18.39
N LYS A 736 -2.34 12.90 -17.88
CA LYS A 736 -1.60 12.43 -16.72
C LYS A 736 -2.13 13.05 -15.44
N ASP A 737 -2.14 12.26 -14.37
CA ASP A 737 -2.56 12.74 -13.06
C ASP A 737 -1.40 13.46 -12.39
N ILE A 738 -1.59 14.74 -12.07
CA ILE A 738 -0.51 15.60 -11.57
C ILE A 738 -0.98 16.27 -10.29
N VAL A 739 -0.06 16.40 -9.32
CA VAL A 739 -0.28 17.20 -8.12
C VAL A 739 0.21 18.61 -8.40
N PRO A 740 -0.62 19.63 -8.19
CA PRO A 740 -0.23 21.00 -8.57
C PRO A 740 0.80 21.62 -7.63
N THR A 741 1.44 22.67 -8.13
CA THR A 741 2.34 23.47 -7.31
C THR A 741 1.54 24.25 -6.26
N GLN A 742 2.08 24.32 -5.05
CA GLN A 742 1.32 24.83 -3.91
C GLN A 742 2.17 25.80 -3.10
N PHE A 743 1.51 26.83 -2.55
CA PHE A 743 2.18 27.87 -1.78
C PHE A 743 1.17 28.40 -0.76
N SER A 744 1.36 28.05 0.51
CA SER A 744 0.43 28.40 1.56
C SER A 744 1.11 29.24 2.64
N HIS A 745 0.29 29.95 3.41
CA HIS A 745 0.74 30.96 4.36
C HIS A 745 0.05 30.77 5.70
N ASN A 746 0.78 31.03 6.79
CA ASN A 746 0.31 30.85 8.15
C ASN A 746 0.66 32.07 8.99
N LEU A 747 -0.19 32.37 9.98
CA LEU A 747 0.04 33.51 10.88
C LEU A 747 -0.25 33.09 12.31
N GLY A 748 0.50 33.67 13.24
CA GLY A 748 0.31 33.38 14.66
C GLY A 748 0.69 34.56 15.53
N ILE A 749 -0.03 34.71 16.65
CA ILE A 749 0.21 35.76 17.62
C ILE A 749 0.16 35.16 19.02
N THR A 750 1.14 35.51 19.85
CA THR A 750 1.22 35.00 21.21
C THR A 750 1.49 36.14 22.18
N TYR A 751 0.89 36.06 23.37
CA TYR A 751 1.18 37.00 24.45
C TYR A 751 1.47 36.21 25.72
N SER A 752 2.58 36.55 26.39
CA SER A 752 3.05 35.83 27.57
C SER A 752 3.23 36.79 28.74
N LEU A 753 2.88 36.30 29.93
CA LEU A 753 2.82 37.07 31.16
C LEU A 753 3.61 36.37 32.26
N LYS A 754 4.40 37.17 32.98
CA LYS A 754 5.21 36.74 34.13
C LYS A 754 6.21 35.66 33.72
N ASN A 755 6.95 35.94 32.65
CA ASN A 755 8.03 35.08 32.16
C ASN A 755 7.51 33.66 31.88
N GLY A 756 6.52 33.59 31.00
CA GLY A 756 5.97 32.32 30.57
C GLY A 756 5.02 31.66 31.54
N ARG A 757 4.60 32.36 32.61
CA ARG A 757 3.68 31.74 33.55
C ARG A 757 2.28 31.62 32.95
N TYR A 758 1.81 32.68 32.27
CA TYR A 758 0.52 32.62 31.58
C TYR A 758 0.71 32.94 30.10
N ASN A 759 0.03 32.19 29.23
CA ASN A 759 0.22 32.37 27.79
C ASN A 759 -1.10 32.23 27.07
N VAL A 760 -1.34 33.14 26.11
CA VAL A 760 -2.50 33.06 25.21
C VAL A 760 -2.01 33.17 23.77
N SER A 761 -2.59 32.35 22.90
CA SER A 761 -2.15 32.26 21.51
C SER A 761 -3.35 32.20 20.58
N PHE A 762 -3.19 32.82 19.40
CA PHE A 762 -4.17 32.77 18.33
C PHE A 762 -3.45 32.50 17.02
N GLU A 763 -3.96 31.54 16.24
CA GLU A 763 -3.33 31.15 15.00
C GLU A 763 -4.35 31.09 13.88
N CYS A 764 -3.90 31.44 12.67
CA CYS A 764 -4.70 31.31 11.46
C CYS A 764 -3.87 30.56 10.42
N LYS A 765 -4.34 29.38 10.05
CA LYS A 765 -3.65 28.50 9.11
C LYS A 765 -4.32 28.57 7.75
N ASN A 766 -3.50 28.56 6.70
CA ASN A 766 -3.97 28.72 5.31
C ASN A 766 -4.87 29.95 5.18
N PHE A 767 -4.33 31.09 5.62
CA PHE A 767 -5.15 32.29 5.69
C PHE A 767 -5.49 32.89 4.33
N THR A 768 -4.99 32.30 3.23
CA THR A 768 -5.43 32.67 1.90
C THR A 768 -6.35 31.62 1.28
N ASP A 769 -6.70 30.58 2.03
CA ASP A 769 -7.66 29.55 1.62
C ASP A 769 -7.27 28.94 0.26
N GLU A 770 -6.13 28.26 0.28
CA GLU A 770 -5.63 27.58 -0.91
C GLU A 770 -6.06 26.13 -0.89
N LYS A 771 -6.15 25.54 -2.09
CA LYS A 771 -6.45 24.11 -2.24
C LYS A 771 -5.14 23.33 -2.12
N LEU A 772 -5.01 22.57 -1.04
CA LEU A 772 -3.77 21.86 -0.74
C LEU A 772 -3.97 20.36 -0.85
N TYR A 773 -2.95 19.68 -1.39
CA TYR A 773 -3.02 18.23 -1.61
C TYR A 773 -1.62 17.66 -1.40
N ASP A 774 -1.43 16.92 -0.31
CA ASP A 774 -0.22 16.09 -0.21
C ASP A 774 -0.32 14.87 -1.10
N ASN A 775 -1.48 14.22 -1.12
CA ASN A 775 -1.76 13.12 -2.02
C ASN A 775 -2.52 13.65 -3.24
N PHE A 776 -2.64 12.79 -4.26
CA PHE A 776 -3.09 13.23 -5.58
C PHE A 776 -4.41 14.00 -5.50
N SER A 777 -5.47 13.36 -5.01
CA SER A 777 -6.80 13.95 -5.02
C SER A 777 -7.36 14.19 -3.63
N LEU A 778 -6.54 14.02 -2.57
CA LEU A 778 -7.01 14.15 -1.21
C LEU A 778 -6.84 15.60 -0.75
N GLN A 779 -7.93 16.37 -0.81
CA GLN A 779 -7.89 17.76 -0.40
C GLN A 779 -7.72 17.88 1.11
N LYS A 780 -7.00 18.91 1.52
CA LYS A 780 -6.78 19.21 2.93
C LYS A 780 -7.59 20.45 3.32
N ALA A 781 -7.54 20.80 4.60
CA ALA A 781 -8.38 21.87 5.13
C ALA A 781 -7.96 23.23 4.58
N GLY A 782 -8.93 24.15 4.54
CA GLY A 782 -8.68 25.51 4.11
C GLY A 782 -8.32 26.43 5.25
N ARG A 783 -8.84 27.66 5.22
CA ARG A 783 -8.58 28.61 6.29
C ARG A 783 -9.09 28.07 7.63
N ALA A 784 -8.25 28.11 8.65
CA ALA A 784 -8.60 27.57 9.95
C ALA A 784 -8.12 28.53 11.03
N PHE A 785 -8.87 28.58 12.14
CA PHE A 785 -8.60 29.46 13.25
C PHE A 785 -8.47 28.64 14.53
N TYR A 786 -7.46 28.95 15.35
CA TYR A 786 -7.23 28.21 16.58
C TYR A 786 -6.86 29.16 17.71
N GLY A 787 -7.26 28.79 18.93
CA GLY A 787 -6.92 29.54 20.12
C GLY A 787 -6.44 28.64 21.24
N LYS A 788 -5.35 29.03 21.90
CA LYS A 788 -4.71 28.20 22.91
C LYS A 788 -4.44 29.01 24.17
N VAL A 789 -4.62 28.37 25.33
CA VAL A 789 -4.29 28.95 26.62
C VAL A 789 -3.41 27.97 27.38
N ARG A 790 -2.35 28.49 28.01
CA ARG A 790 -1.37 27.63 28.66
C ARG A 790 -0.86 28.26 29.95
N VAL A 791 -0.66 27.42 30.97
CA VAL A 791 -0.09 27.83 32.24
C VAL A 791 1.03 26.87 32.63
N TYR A 792 2.03 27.41 33.32
CA TYR A 792 3.17 26.64 33.81
C TYR A 792 3.56 27.16 35.18
N PHE A 793 3.77 26.24 36.12
CA PHE A 793 4.27 26.55 37.45
C PHE A 793 5.37 25.55 37.80
N GLY A 794 6.30 25.98 38.63
CA GLY A 794 7.37 25.09 39.04
C GLY A 794 8.26 25.75 40.07
N GLY A 795 9.06 24.92 40.73
CA GLY A 795 9.99 25.41 41.74
C GLY A 795 10.92 24.35 42.28
N VAL B 38 -26.47 -15.10 9.03
CA VAL B 38 -25.61 -14.84 7.88
C VAL B 38 -25.71 -16.01 6.90
N GLN B 39 -25.95 -15.69 5.64
CA GLN B 39 -26.06 -16.70 4.59
C GLN B 39 -25.27 -16.24 3.37
N LYS B 40 -25.01 -17.19 2.48
CA LYS B 40 -24.30 -16.88 1.24
C LYS B 40 -25.28 -16.58 0.11
N GLY B 41 -24.97 -15.57 -0.70
CA GLY B 41 -25.83 -15.17 -1.78
C GLY B 41 -25.03 -14.76 -3.01
N ILE B 42 -25.75 -14.55 -4.10
CA ILE B 42 -25.16 -14.12 -5.37
C ILE B 42 -25.54 -12.65 -5.59
N ALA B 43 -24.52 -11.81 -5.79
CA ALA B 43 -24.71 -10.40 -6.05
C ALA B 43 -24.45 -10.11 -7.52
N ILE B 44 -25.41 -9.44 -8.16
CA ILE B 44 -25.38 -9.14 -9.59
C ILE B 44 -25.56 -7.64 -9.77
N THR B 45 -24.72 -7.04 -10.61
CA THR B 45 -24.72 -5.60 -10.86
C THR B 45 -24.80 -5.36 -12.36
N TYR B 46 -25.65 -4.41 -12.76
CA TYR B 46 -25.84 -4.03 -14.15
C TYR B 46 -25.26 -2.64 -14.40
N LEU B 47 -24.50 -2.51 -15.49
CA LEU B 47 -24.10 -1.23 -16.05
C LEU B 47 -24.82 -1.09 -17.40
N HIS B 48 -25.81 -0.20 -17.46
CA HIS B 48 -26.51 0.03 -18.72
C HIS B 48 -25.67 0.96 -19.60
N VAL B 49 -25.35 0.48 -20.80
CA VAL B 49 -24.35 1.13 -21.63
C VAL B 49 -24.89 2.43 -22.22
N THR B 50 -26.15 2.43 -22.68
CA THR B 50 -26.64 3.56 -23.45
C THR B 50 -26.93 4.76 -22.57
N ASP B 51 -27.44 4.54 -21.37
CA ASP B 51 -27.92 5.63 -20.52
C ASP B 51 -27.00 5.92 -19.34
N GLN B 52 -25.92 5.14 -19.16
CA GLN B 52 -24.89 5.41 -18.16
C GLN B 52 -25.46 5.39 -16.74
N ILE B 53 -26.03 4.25 -16.37
CA ILE B 53 -26.62 4.06 -15.05
C ILE B 53 -26.20 2.69 -14.51
N MET B 54 -25.84 2.66 -13.24
CA MET B 54 -25.50 1.44 -12.52
C MET B 54 -26.63 1.05 -11.60
N LYS B 55 -27.02 -0.23 -11.64
CA LYS B 55 -28.08 -0.76 -10.81
C LYS B 55 -27.61 -2.03 -10.12
N ASN B 56 -28.16 -2.27 -8.93
CA ASN B 56 -27.85 -3.46 -8.14
C ASN B 56 -29.11 -4.30 -8.01
N ARG B 57 -28.97 -5.59 -8.27
CA ARG B 57 -30.08 -6.53 -8.14
C ARG B 57 -30.15 -7.09 -6.70
N ASP B 58 -31.37 -7.35 -6.25
CA ASP B 58 -31.55 -7.94 -4.92
C ASP B 58 -30.80 -9.25 -4.85
N VAL B 59 -30.03 -9.43 -3.76
CA VAL B 59 -29.12 -10.57 -3.67
C VAL B 59 -29.91 -11.87 -3.74
N ILE B 60 -29.48 -12.76 -4.63
CA ILE B 60 -30.10 -14.06 -4.79
C ILE B 60 -29.56 -15.00 -3.72
N ARG B 61 -30.42 -15.85 -3.18
CA ARG B 61 -30.00 -16.81 -2.16
C ARG B 61 -29.21 -17.93 -2.81
N GLY B 62 -27.96 -18.10 -2.40
CA GLY B 62 -27.10 -19.13 -2.94
C GLY B 62 -27.03 -20.39 -2.09
N GLU B 63 -27.58 -20.31 -0.88
CA GLU B 63 -27.60 -21.49 -0.02
C GLU B 63 -28.52 -22.54 -0.60
N ASN B 64 -27.98 -23.75 -0.77
CA ASN B 64 -28.69 -24.87 -1.38
C ASN B 64 -29.21 -24.49 -2.77
N PHE B 65 -28.32 -23.88 -3.56
CA PHE B 65 -28.67 -23.50 -4.92
C PHE B 65 -28.86 -24.73 -5.81
N LEU B 66 -27.97 -25.71 -5.69
CA LEU B 66 -28.02 -26.91 -6.50
C LEU B 66 -28.78 -28.05 -5.84
N GLY B 67 -29.38 -27.82 -4.69
CA GLY B 67 -30.17 -28.83 -4.02
C GLY B 67 -29.40 -29.76 -3.11
N ASN B 68 -28.18 -29.38 -2.70
CA ASN B 68 -27.39 -30.19 -1.78
C ASN B 68 -26.75 -29.36 -0.68
N GLY B 69 -27.28 -28.16 -0.43
CA GLY B 69 -26.90 -27.35 0.73
C GLY B 69 -25.69 -26.47 0.53
N GLU B 70 -24.98 -26.62 -0.58
CA GLU B 70 -23.73 -25.89 -0.80
C GLU B 70 -24.00 -24.63 -1.62
N TYR B 71 -23.30 -23.55 -1.27
CA TYR B 71 -23.44 -22.31 -2.03
C TYR B 71 -22.49 -22.32 -3.21
N VAL B 72 -22.83 -21.53 -4.24
CA VAL B 72 -22.17 -21.60 -5.53
C VAL B 72 -21.68 -20.22 -5.92
N THR B 73 -20.75 -20.20 -6.87
CA THR B 73 -20.32 -18.98 -7.53
C THR B 73 -20.55 -19.11 -9.03
N PHE B 74 -21.00 -18.03 -9.65
CA PHE B 74 -21.26 -18.06 -11.09
C PHE B 74 -19.99 -17.82 -11.88
N ALA B 75 -19.69 -18.71 -12.80
CA ALA B 75 -18.57 -18.58 -13.72
C ALA B 75 -19.13 -18.43 -15.13
N GLY B 76 -18.75 -17.34 -15.79
CA GLY B 76 -19.18 -17.07 -17.15
C GLY B 76 -20.60 -16.53 -17.23
N ILE B 77 -20.78 -15.49 -18.03
CA ILE B 77 -22.12 -14.96 -18.34
C ILE B 77 -22.20 -14.97 -19.87
N LEU B 78 -22.75 -16.06 -20.41
CA LEU B 78 -22.67 -16.33 -21.85
C LEU B 78 -24.01 -16.02 -22.49
N GLU B 79 -24.01 -15.02 -23.38
CA GLU B 79 -25.20 -14.71 -24.15
C GLU B 79 -25.28 -15.63 -25.37
N ALA B 80 -26.41 -16.32 -25.51
CA ALA B 80 -26.61 -17.22 -26.64
C ALA B 80 -28.09 -17.53 -26.77
N ASN B 81 -28.59 -17.48 -28.00
CA ASN B 81 -29.98 -17.82 -28.31
C ASN B 81 -30.96 -16.96 -27.51
N ASN B 82 -30.60 -15.68 -27.33
CA ASN B 82 -31.39 -14.74 -26.53
C ASN B 82 -31.61 -15.25 -25.12
N LYS B 83 -30.59 -15.91 -24.58
CA LYS B 83 -30.64 -16.48 -23.24
C LYS B 83 -29.27 -16.37 -22.60
N ILE B 84 -29.24 -16.54 -21.28
CA ILE B 84 -28.01 -16.44 -20.50
C ILE B 84 -27.63 -17.82 -19.98
N TYR B 85 -26.40 -18.24 -20.28
CA TYR B 85 -25.87 -19.50 -19.79
C TYR B 85 -24.79 -19.21 -18.76
N THR B 86 -24.81 -19.94 -17.65
CA THR B 86 -23.88 -19.68 -16.56
C THR B 86 -23.47 -21.02 -15.94
N ALA B 87 -22.24 -21.09 -15.43
CA ALA B 87 -21.80 -22.29 -14.72
C ALA B 87 -21.82 -22.04 -13.22
N PRO B 88 -22.77 -22.60 -12.48
CA PRO B 88 -22.73 -22.51 -11.01
C PRO B 88 -21.75 -23.51 -10.43
N ILE B 89 -20.64 -23.01 -9.91
CA ILE B 89 -19.55 -23.84 -9.41
C ILE B 89 -19.69 -23.98 -7.91
N PRO B 90 -19.74 -25.19 -7.37
CA PRO B 90 -19.99 -25.35 -5.93
C PRO B 90 -18.80 -24.89 -5.09
N MET B 91 -19.12 -24.24 -3.97
CA MET B 91 -18.13 -23.68 -3.06
C MET B 91 -18.10 -24.38 -1.71
N GLY B 92 -18.70 -25.55 -1.60
CA GLY B 92 -18.77 -26.24 -0.33
C GLY B 92 -19.79 -25.61 0.61
N LEU B 93 -19.78 -26.09 1.85
CA LEU B 93 -20.71 -25.63 2.86
C LEU B 93 -20.12 -24.46 3.65
N SER B 94 -20.97 -23.49 3.96
CA SER B 94 -20.57 -22.34 4.77
C SER B 94 -20.85 -22.65 6.24
N VAL B 95 -20.74 -21.62 7.10
CA VAL B 95 -21.06 -21.80 8.51
C VAL B 95 -22.54 -22.11 8.68
N TYR B 96 -23.40 -21.39 7.98
CA TYR B 96 -24.83 -21.67 8.03
C TYR B 96 -25.16 -23.03 7.43
N GLY B 97 -24.52 -23.38 6.31
CA GLY B 97 -24.83 -24.62 5.63
C GLY B 97 -24.44 -25.85 6.44
N SER B 98 -23.30 -25.78 7.13
CA SER B 98 -22.80 -26.93 7.86
C SER B 98 -23.57 -27.21 9.15
N ALA B 99 -24.25 -26.21 9.70
CA ALA B 99 -25.04 -26.37 10.92
C ALA B 99 -26.52 -26.49 10.65
N PHE B 100 -26.92 -26.62 9.40
CA PHE B 100 -28.34 -26.59 9.04
C PHE B 100 -28.99 -27.93 9.38
N GLU B 101 -30.01 -27.89 10.23
CA GLU B 101 -30.80 -29.06 10.59
C GLU B 101 -29.92 -30.20 11.09
N ASP B 102 -29.02 -29.86 12.01
CA ASP B 102 -28.14 -30.83 12.69
C ASP B 102 -27.24 -31.54 11.68
N GLY B 103 -26.52 -30.74 10.90
CA GLY B 103 -25.56 -31.28 9.94
C GLY B 103 -26.19 -32.14 8.86
N LYS B 104 -27.33 -31.71 8.31
CA LYS B 104 -28.00 -32.48 7.28
C LYS B 104 -27.16 -32.57 6.01
N TRP B 105 -26.53 -31.46 5.62
CA TRP B 105 -25.80 -31.40 4.36
C TRP B 105 -24.37 -31.92 4.46
N VAL B 106 -23.87 -32.16 5.66
CA VAL B 106 -22.48 -32.57 5.86
C VAL B 106 -22.37 -34.06 5.55
N LYS B 107 -21.67 -34.40 4.48
CA LYS B 107 -21.41 -35.79 4.12
C LYS B 107 -20.08 -36.29 4.68
N TYR B 108 -19.11 -35.41 4.87
CA TYR B 108 -17.78 -35.77 5.37
C TYR B 108 -17.49 -34.90 6.58
N PRO B 109 -17.89 -35.34 7.78
CA PRO B 109 -17.71 -34.50 8.97
C PRO B 109 -16.26 -34.22 9.31
N GLU B 110 -15.33 -35.05 8.86
CA GLU B 110 -13.91 -34.81 9.15
C GLU B 110 -13.35 -33.62 8.39
N LEU B 111 -14.01 -33.16 7.34
CA LEU B 111 -13.55 -32.03 6.55
C LEU B 111 -14.00 -30.69 7.10
N VAL B 112 -14.93 -30.65 8.05
CA VAL B 112 -15.43 -29.39 8.58
C VAL B 112 -14.34 -28.73 9.42
N LYS B 113 -14.10 -27.45 9.16
CA LYS B 113 -13.08 -26.72 9.91
C LYS B 113 -13.42 -26.71 11.40
N THR B 114 -12.40 -26.96 12.23
CA THR B 114 -12.55 -26.90 13.67
C THR B 114 -11.93 -25.64 14.26
N GLU B 115 -10.94 -25.05 13.59
CA GLU B 115 -10.27 -23.85 14.04
C GLU B 115 -10.35 -22.76 12.99
N ASP B 116 -10.37 -21.51 13.43
CA ASP B 116 -10.44 -20.36 12.53
C ASP B 116 -9.01 -19.97 12.16
N GLY B 117 -8.65 -20.16 10.89
CA GLY B 117 -7.32 -19.81 10.44
C GLY B 117 -7.24 -19.82 8.93
N GLY B 118 -6.01 -19.69 8.43
CA GLY B 118 -5.78 -19.71 7.00
C GLY B 118 -5.21 -18.41 6.46
N SER B 119 -4.63 -18.46 5.27
CA SER B 119 -4.08 -17.27 4.63
C SER B 119 -5.19 -16.30 4.27
N ASN B 120 -4.90 -14.99 4.41
CA ASN B 120 -5.93 -13.96 4.21
C ASN B 120 -6.60 -14.07 2.86
N SER B 121 -5.87 -14.54 1.84
CA SER B 121 -6.47 -14.74 0.53
C SER B 121 -7.53 -15.83 0.57
N SER B 122 -7.28 -16.92 1.30
CA SER B 122 -8.18 -18.06 1.39
C SER B 122 -8.46 -18.43 2.84
N SER B 123 -8.60 -17.42 3.69
CA SER B 123 -8.87 -17.66 5.10
C SER B 123 -10.26 -18.26 5.28
N TYR B 124 -10.38 -19.14 6.28
CA TYR B 124 -11.63 -19.83 6.55
C TYR B 124 -12.07 -19.57 7.98
N GLU B 125 -13.37 -19.70 8.21
CA GLU B 125 -13.95 -19.57 9.53
C GLU B 125 -14.18 -20.94 10.15
N LYS B 126 -14.53 -20.93 11.43
CA LYS B 126 -14.74 -22.16 12.17
C LYS B 126 -16.09 -22.77 11.82
N GLY B 127 -16.09 -24.07 11.50
CA GLY B 127 -17.32 -24.78 11.26
C GLY B 127 -17.86 -24.73 9.85
N GLU B 128 -17.00 -24.53 8.85
CA GLU B 128 -17.42 -24.52 7.45
C GLU B 128 -16.56 -25.50 6.68
N LEU B 129 -17.14 -26.11 5.65
CA LEU B 129 -16.44 -27.09 4.83
C LEU B 129 -16.01 -26.40 3.53
N GLN B 130 -14.71 -26.41 3.27
CA GLN B 130 -14.13 -25.44 2.34
C GLN B 130 -14.54 -25.71 0.90
N TRP B 131 -14.12 -26.83 0.35
CA TRP B 131 -14.33 -27.11 -1.07
C TRP B 131 -15.54 -28.02 -1.24
N THR B 132 -15.91 -28.25 -2.50
CA THR B 132 -17.08 -29.07 -2.78
C THR B 132 -16.80 -30.54 -2.47
N GLN B 133 -17.83 -31.24 -1.98
CA GLN B 133 -17.74 -32.67 -1.71
C GLN B 133 -18.44 -33.50 -2.78
N TYR B 134 -18.79 -32.90 -3.91
CA TYR B 134 -19.34 -33.62 -5.07
C TYR B 134 -18.56 -33.21 -6.32
N PRO B 135 -17.28 -33.59 -6.40
CA PRO B 135 -16.43 -33.09 -7.49
C PRO B 135 -16.59 -33.82 -8.82
N ASN B 136 -17.54 -34.74 -8.95
CA ASN B 136 -17.64 -35.61 -10.12
C ASN B 136 -18.88 -35.29 -10.95
N GLU B 137 -19.17 -33.99 -11.12
CA GLU B 137 -20.35 -33.58 -11.86
C GLU B 137 -20.21 -32.11 -12.22
N ALA B 138 -21.05 -31.66 -13.16
CA ALA B 138 -21.08 -30.28 -13.59
C ALA B 138 -22.52 -29.82 -13.73
N TRP B 139 -22.73 -28.54 -13.46
CA TRP B 139 -24.05 -27.93 -13.51
C TRP B 139 -24.04 -26.73 -14.44
N VAL B 140 -25.17 -26.51 -15.13
CA VAL B 140 -25.36 -25.38 -16.01
C VAL B 140 -26.71 -24.75 -15.72
N ALA B 141 -26.73 -23.43 -15.55
CA ALA B 141 -27.95 -22.68 -15.31
C ALA B 141 -28.29 -21.84 -16.54
N ILE B 142 -29.55 -21.91 -16.97
CA ILE B 142 -30.04 -21.18 -18.13
C ILE B 142 -31.12 -20.22 -17.67
N TYR B 143 -30.97 -18.94 -18.03
CA TYR B 143 -31.91 -17.88 -17.73
C TYR B 143 -32.43 -17.30 -19.04
N ASN B 144 -33.63 -16.73 -18.99
CA ASN B 144 -34.27 -16.21 -20.19
C ASN B 144 -34.00 -14.73 -20.45
N ASP B 145 -33.54 -13.99 -19.43
CA ASP B 145 -33.25 -12.56 -19.59
C ASP B 145 -32.24 -12.19 -18.51
N GLU B 146 -31.88 -10.90 -18.46
CA GLU B 146 -30.91 -10.42 -17.47
C GLU B 146 -31.57 -10.04 -16.16
N ASN B 147 -32.74 -10.60 -15.86
CA ASN B 147 -33.36 -10.46 -14.56
C ASN B 147 -33.09 -11.64 -13.64
N PHE B 148 -32.54 -12.73 -14.16
CA PHE B 148 -32.06 -13.87 -13.37
C PHE B 148 -33.16 -14.41 -12.44
N ASN B 149 -34.23 -14.89 -13.07
CA ASN B 149 -35.37 -15.46 -12.37
C ASN B 149 -35.65 -16.86 -12.89
N ASN B 150 -35.99 -17.77 -11.99
CA ASN B 150 -36.38 -19.14 -12.30
C ASN B 150 -35.33 -19.81 -13.19
N PRO B 151 -34.15 -20.14 -12.67
CA PRO B 151 -33.13 -20.79 -13.49
C PRO B 151 -33.56 -22.19 -13.92
N THR B 152 -33.09 -22.58 -15.10
CA THR B 152 -33.22 -23.95 -15.59
C THR B 152 -31.88 -24.63 -15.36
N LEU B 153 -31.86 -25.56 -14.41
CA LEU B 153 -30.63 -26.23 -13.98
C LEU B 153 -30.52 -27.59 -14.64
N ILE B 154 -29.37 -27.86 -15.26
CA ILE B 154 -29.10 -29.14 -15.89
C ILE B 154 -27.77 -29.67 -15.38
N ARG B 155 -27.73 -30.98 -15.14
CA ARG B 155 -26.58 -31.64 -14.54
C ARG B 155 -26.00 -32.67 -15.51
N THR B 156 -24.67 -32.82 -15.47
CA THR B 156 -24.01 -33.88 -16.20
C THR B 156 -22.97 -34.54 -15.29
N ASP B 157 -22.77 -35.84 -15.49
CA ASP B 157 -21.81 -36.62 -14.70
C ASP B 157 -20.60 -37.06 -15.51
N LYS B 158 -20.40 -36.49 -16.69
CA LYS B 158 -19.26 -36.83 -17.53
C LYS B 158 -18.02 -35.98 -17.21
N ILE B 159 -18.22 -34.78 -16.67
CA ILE B 159 -17.14 -33.83 -16.44
C ILE B 159 -17.31 -33.18 -15.07
N SER B 160 -16.20 -32.72 -14.50
CA SER B 160 -16.22 -32.00 -13.23
C SER B 160 -16.69 -30.57 -13.48
N TYR B 161 -16.63 -29.71 -12.46
CA TYR B 161 -17.16 -28.37 -12.60
C TYR B 161 -16.39 -27.59 -13.67
N ALA B 162 -17.11 -26.74 -14.40
CA ALA B 162 -16.59 -26.11 -15.61
C ALA B 162 -16.14 -24.68 -15.28
N CYS B 163 -14.87 -24.53 -14.94
CA CYS B 163 -14.25 -23.23 -14.76
C CYS B 163 -12.74 -23.42 -14.64
N GLY B 164 -11.98 -22.49 -15.23
CA GLY B 164 -10.56 -22.42 -14.95
C GLY B 164 -10.31 -21.78 -13.60
N ARG B 165 -9.20 -22.14 -12.98
CA ARG B 165 -8.90 -21.63 -11.65
C ARG B 165 -7.43 -21.28 -11.55
N MET B 166 -7.14 -20.09 -11.01
CA MET B 166 -5.76 -19.65 -10.81
C MET B 166 -5.75 -18.79 -9.54
N ARG B 167 -5.31 -19.39 -8.43
CA ARG B 167 -5.35 -18.72 -7.13
C ARG B 167 -6.76 -18.29 -6.78
N SER B 168 -7.03 -16.99 -6.82
CA SER B 168 -8.35 -16.45 -6.52
C SER B 168 -9.15 -16.09 -7.77
N GLN B 169 -8.68 -16.49 -8.95
CA GLN B 169 -9.29 -16.10 -10.22
C GLN B 169 -10.06 -17.27 -10.82
N TYR B 170 -11.29 -16.99 -11.22
CA TYR B 170 -12.16 -17.94 -11.92
C TYR B 170 -12.24 -17.55 -13.38
N TYR B 171 -12.02 -18.51 -14.27
CA TYR B 171 -12.03 -18.27 -15.70
C TYR B 171 -13.22 -19.00 -16.34
N GLN B 172 -13.88 -18.31 -17.27
CA GLN B 172 -15.00 -18.89 -17.99
C GLN B 172 -14.53 -20.01 -18.91
N THR B 173 -15.27 -21.12 -18.91
CA THR B 173 -14.97 -22.25 -19.80
C THR B 173 -16.22 -22.76 -20.49
N ILE B 174 -17.30 -21.99 -20.50
CA ILE B 174 -18.48 -22.29 -21.30
C ILE B 174 -18.54 -21.25 -22.41
N TRP B 175 -18.64 -21.72 -23.65
CA TRP B 175 -18.59 -20.85 -24.81
C TRP B 175 -19.68 -21.23 -25.81
N ALA B 176 -19.82 -20.44 -26.86
CA ALA B 176 -20.90 -20.63 -27.82
C ALA B 176 -20.33 -20.64 -29.23
N ALA B 177 -20.69 -21.65 -30.01
CA ALA B 177 -20.30 -21.70 -31.41
C ALA B 177 -21.13 -20.71 -32.22
N ASP B 178 -20.77 -20.58 -33.50
CA ASP B 178 -21.46 -19.64 -34.37
C ASP B 178 -22.88 -20.09 -34.73
N ASN B 179 -23.20 -21.37 -34.57
CA ASN B 179 -24.53 -21.87 -34.85
C ASN B 179 -25.44 -21.90 -33.63
N GLY B 180 -24.97 -21.45 -32.47
CA GLY B 180 -25.77 -21.38 -31.28
C GLY B 180 -25.50 -22.46 -30.24
N ASP B 181 -24.80 -23.53 -30.63
CA ASP B 181 -24.48 -24.59 -29.69
C ASP B 181 -23.56 -24.07 -28.59
N VAL B 182 -23.77 -24.56 -27.36
CA VAL B 182 -22.98 -24.17 -26.21
C VAL B 182 -22.06 -25.32 -25.85
N TYR B 183 -20.76 -25.05 -25.78
CA TYR B 183 -19.78 -26.05 -25.39
C TYR B 183 -19.26 -25.77 -23.99
N VAL B 184 -19.32 -26.80 -23.14
CA VAL B 184 -18.92 -26.71 -21.74
C VAL B 184 -17.62 -27.49 -21.59
N PHE B 185 -16.53 -26.77 -21.28
CA PHE B 185 -15.21 -27.34 -21.08
C PHE B 185 -14.91 -27.46 -19.59
N SER B 186 -14.19 -28.52 -19.22
CA SER B 186 -13.82 -28.70 -17.82
C SER B 186 -12.37 -29.17 -17.71
N PRO B 187 -11.52 -28.43 -16.98
CA PRO B 187 -10.12 -28.83 -16.80
C PRO B 187 -9.86 -29.79 -15.65
N SER B 188 -10.87 -30.13 -14.86
CA SER B 188 -10.71 -31.03 -13.71
C SER B 188 -9.64 -30.52 -12.74
N TYR B 189 -9.87 -29.29 -12.25
CA TYR B 189 -8.94 -28.69 -11.30
C TYR B 189 -9.05 -29.35 -9.93
N ALA B 190 -10.21 -29.91 -9.62
CA ALA B 190 -10.45 -30.58 -8.34
C ALA B 190 -9.57 -31.82 -8.20
N LYS B 191 -8.75 -32.10 -9.21
CA LYS B 191 -7.75 -33.15 -9.10
C LYS B 191 -6.60 -32.78 -8.18
N ILE B 192 -6.48 -31.51 -7.79
CA ILE B 192 -5.38 -31.13 -6.90
C ILE B 192 -5.90 -30.77 -5.51
N MET B 193 -7.00 -31.40 -5.10
CA MET B 193 -7.51 -31.24 -3.75
C MET B 193 -6.71 -32.10 -2.78
N ASP B 194 -6.49 -31.57 -1.58
CA ASP B 194 -5.72 -32.31 -0.57
C ASP B 194 -6.44 -33.58 -0.13
N ALA B 195 -7.76 -33.50 0.06
CA ALA B 195 -8.52 -34.67 0.48
C ALA B 195 -8.87 -35.55 -0.72
N ASP B 196 -8.75 -36.87 -0.53
CA ASP B 196 -9.03 -37.79 -1.62
C ASP B 196 -10.51 -37.85 -1.95
N VAL B 197 -11.37 -37.68 -0.94
CA VAL B 197 -12.81 -37.65 -1.19
C VAL B 197 -13.18 -36.45 -2.05
N GLN B 198 -12.39 -35.39 -1.99
CA GLN B 198 -12.65 -34.17 -2.74
C GLN B 198 -11.91 -34.12 -4.07
N LYS B 199 -11.09 -35.13 -4.38
CA LYS B 199 -10.48 -35.21 -5.70
C LYS B 199 -11.48 -35.76 -6.70
N THR B 200 -11.41 -35.25 -7.94
CA THR B 200 -12.23 -35.77 -9.02
C THR B 200 -11.47 -36.85 -9.80
N ASN B 201 -12.22 -37.80 -10.35
CA ASN B 201 -11.66 -38.86 -11.16
C ASN B 201 -11.98 -38.71 -12.65
N LEU B 202 -12.63 -37.61 -13.02
CA LEU B 202 -13.04 -37.34 -14.40
C LEU B 202 -11.93 -36.59 -15.13
N PRO B 203 -11.48 -37.07 -16.27
CA PRO B 203 -10.48 -36.33 -17.04
C PRO B 203 -11.07 -35.08 -17.66
N ALA B 204 -10.20 -34.12 -17.94
CA ALA B 204 -10.63 -32.86 -18.55
C ALA B 204 -11.33 -33.13 -19.87
N GLY B 205 -12.50 -32.50 -20.05
CA GLY B 205 -13.32 -32.89 -21.18
C GLY B 205 -14.28 -31.81 -21.64
N VAL B 206 -15.09 -32.17 -22.63
CA VAL B 206 -16.04 -31.25 -23.27
C VAL B 206 -17.38 -31.95 -23.41
N VAL B 207 -18.45 -31.22 -23.05
CA VAL B 207 -19.82 -31.62 -23.34
C VAL B 207 -20.51 -30.49 -24.10
N ARG B 208 -21.70 -30.77 -24.62
CA ARG B 208 -22.40 -29.83 -25.50
C ARG B 208 -23.88 -29.75 -25.13
N ILE B 209 -24.43 -28.55 -25.29
CA ILE B 209 -25.87 -28.31 -25.28
C ILE B 209 -26.24 -27.77 -26.65
N LYS B 210 -27.18 -28.43 -27.32
CA LYS B 210 -27.57 -28.02 -28.66
C LYS B 210 -28.42 -26.75 -28.61
N ALA B 211 -28.37 -25.99 -29.70
CA ALA B 211 -29.12 -24.73 -29.77
C ALA B 211 -30.61 -25.00 -29.62
N GLY B 212 -31.27 -24.21 -28.77
CA GLY B 212 -32.67 -24.39 -28.52
C GLY B 212 -33.03 -25.62 -27.71
N ALA B 213 -32.09 -26.15 -26.94
CA ALA B 213 -32.32 -27.34 -26.13
C ALA B 213 -32.05 -27.04 -24.66
N THR B 214 -32.69 -27.81 -23.78
CA THR B 214 -32.60 -27.58 -22.34
C THR B 214 -32.00 -28.78 -21.61
N ASP B 215 -31.05 -29.47 -22.25
CA ASP B 215 -30.37 -30.60 -21.63
C ASP B 215 -29.16 -30.96 -22.48
N PHE B 216 -28.21 -31.65 -21.86
CA PHE B 216 -27.01 -32.09 -22.55
C PHE B 216 -27.33 -33.20 -23.54
N ASP B 217 -26.65 -33.19 -24.68
CA ASP B 217 -26.81 -34.23 -25.68
C ASP B 217 -25.78 -35.34 -25.43
N SER B 218 -25.60 -36.23 -26.41
CA SER B 218 -24.70 -37.36 -26.28
C SER B 218 -23.25 -37.02 -26.59
N TYR B 219 -22.96 -35.78 -26.99
CA TYR B 219 -21.60 -35.42 -27.36
C TYR B 219 -20.70 -35.36 -26.14
N TYR B 220 -19.52 -35.98 -26.26
CA TYR B 220 -18.47 -35.91 -25.26
C TYR B 220 -17.12 -35.99 -25.94
N CYS B 221 -16.15 -35.28 -25.38
CA CYS B 221 -14.76 -35.39 -25.86
C CYS B 221 -13.82 -35.40 -24.66
N ASN B 222 -12.94 -36.39 -24.62
CA ASN B 222 -11.92 -36.51 -23.57
C ASN B 222 -10.67 -35.79 -24.06
N LEU B 223 -10.43 -34.59 -23.52
CA LEU B 223 -9.30 -33.80 -24.01
C LEU B 223 -7.97 -34.32 -23.53
N GLU B 224 -7.93 -35.05 -22.42
CA GLU B 224 -6.70 -35.61 -21.90
C GLU B 224 -6.23 -36.84 -22.67
N GLU B 225 -7.03 -37.30 -23.64
CA GLU B 225 -6.61 -38.36 -24.55
C GLU B 225 -6.06 -37.81 -25.86
N LEU B 226 -6.39 -36.56 -26.19
CA LEU B 226 -5.90 -35.92 -27.42
C LEU B 226 -4.67 -35.06 -27.18
N SER B 227 -4.41 -34.66 -25.93
CA SER B 227 -3.31 -33.75 -25.60
C SER B 227 -2.17 -34.44 -24.87
N GLY B 228 -2.11 -35.77 -24.91
CA GLY B 228 -1.07 -36.49 -24.20
C GLY B 228 -1.17 -36.38 -22.68
N GLY B 229 -2.37 -36.48 -22.14
CA GLY B 229 -2.56 -36.41 -20.70
C GLY B 229 -2.26 -35.06 -20.09
N LYS B 230 -2.66 -33.98 -20.75
CA LYS B 230 -2.48 -32.62 -20.23
C LYS B 230 -3.85 -31.99 -20.02
N SER B 231 -3.87 -30.98 -19.15
CA SER B 231 -5.07 -30.20 -18.88
C SER B 231 -4.85 -28.79 -19.43
N PHE B 232 -5.83 -27.90 -19.22
CA PHE B 232 -5.76 -26.53 -19.71
C PHE B 232 -6.15 -25.55 -18.62
N LEU B 233 -5.60 -24.34 -18.71
CA LEU B 233 -5.89 -23.27 -17.77
C LEU B 233 -7.09 -22.43 -18.24
N ARG B 234 -7.11 -22.04 -19.52
CA ARG B 234 -8.12 -21.15 -20.05
C ARG B 234 -8.53 -21.63 -21.44
N CYS B 235 -9.72 -21.20 -21.85
CA CYS B 235 -10.20 -21.50 -23.20
C CYS B 235 -11.04 -20.33 -23.69
N TRP B 236 -10.98 -20.11 -25.00
CA TRP B 236 -11.75 -19.06 -25.65
C TRP B 236 -12.29 -19.60 -26.96
N HIS B 237 -13.24 -18.89 -27.54
CA HIS B 237 -13.76 -19.22 -28.87
C HIS B 237 -12.99 -18.43 -29.92
N ILE B 238 -12.80 -19.05 -31.09
CA ILE B 238 -12.11 -18.37 -32.19
C ILE B 238 -13.09 -18.02 -33.30
N THR B 239 -13.66 -19.04 -33.94
CA THR B 239 -14.60 -18.86 -35.04
C THR B 239 -15.22 -20.21 -35.37
N GLY B 240 -16.48 -20.19 -35.77
CA GLY B 240 -17.18 -21.42 -36.05
C GLY B 240 -17.23 -22.29 -34.81
N ASP B 241 -16.71 -23.52 -34.93
CA ASP B 241 -16.56 -24.42 -33.80
C ASP B 241 -15.08 -24.63 -33.42
N TYR B 242 -14.25 -23.62 -33.69
CA TYR B 242 -12.85 -23.63 -33.28
C TYR B 242 -12.70 -22.94 -31.94
N PHE B 243 -11.88 -23.53 -31.06
CA PHE B 243 -11.62 -22.96 -29.75
C PHE B 243 -10.11 -22.99 -29.48
N LEU B 244 -9.66 -22.00 -28.71
CA LEU B 244 -8.26 -21.84 -28.36
C LEU B 244 -8.07 -22.19 -26.89
N LEU B 245 -7.19 -23.13 -26.60
CA LEU B 245 -6.95 -23.61 -25.25
C LEU B 245 -5.51 -23.30 -24.85
N GLN B 246 -5.35 -22.79 -23.61
CA GLN B 246 -4.03 -22.55 -23.04
C GLN B 246 -3.67 -23.77 -22.20
N MET B 247 -2.73 -24.56 -22.69
CA MET B 247 -2.46 -25.89 -22.16
C MET B 247 -1.31 -25.88 -21.17
N TYR B 248 -1.44 -26.72 -20.13
CA TYR B 248 -0.34 -26.93 -19.21
C TYR B 248 0.76 -27.77 -19.86
N THR B 249 2.01 -27.42 -19.56
CA THR B 249 3.14 -28.27 -19.94
C THR B 249 3.48 -29.29 -18.87
N GLY B 250 3.12 -29.05 -17.62
CA GLY B 250 3.31 -29.99 -16.55
C GLY B 250 2.01 -30.46 -15.94
N GLU B 251 1.87 -30.26 -14.63
CA GLU B 251 0.68 -30.68 -13.89
C GLU B 251 -0.16 -29.46 -13.54
N ILE B 252 -1.48 -29.67 -13.46
CA ILE B 252 -2.37 -28.58 -13.09
C ILE B 252 -2.08 -28.16 -11.66
N ASN B 253 -2.06 -26.84 -11.43
CA ASN B 253 -1.68 -26.28 -10.15
C ASN B 253 -2.40 -24.96 -9.93
N SER B 254 -2.30 -24.44 -8.71
CA SER B 254 -3.07 -23.27 -8.31
C SER B 254 -2.43 -21.96 -8.75
N ARG B 255 -1.15 -21.97 -9.13
CA ARG B 255 -0.45 -20.76 -9.52
C ARG B 255 -0.29 -20.62 -11.03
N GLY B 256 -0.76 -21.60 -11.79
CA GLY B 256 -0.67 -21.50 -13.23
C GLY B 256 0.70 -21.70 -13.82
N THR B 257 1.61 -22.35 -13.07
CA THR B 257 2.95 -22.60 -13.58
C THR B 257 2.89 -23.65 -14.68
N GLY B 258 3.53 -23.34 -15.81
CA GLY B 258 3.63 -24.27 -16.92
C GLY B 258 2.60 -24.11 -18.01
N ALA B 259 1.68 -23.15 -17.89
CA ALA B 259 0.68 -22.90 -18.93
C ALA B 259 1.31 -22.00 -19.99
N THR B 260 2.17 -22.62 -20.82
CA THR B 260 2.96 -21.87 -21.79
C THR B 260 2.79 -22.39 -23.21
N ARG B 261 1.70 -23.11 -23.49
CA ARG B 261 1.43 -23.60 -24.84
C ARG B 261 -0.02 -23.34 -25.19
N MET B 262 -0.29 -23.27 -26.49
CA MET B 262 -1.62 -23.03 -27.01
C MET B 262 -2.01 -24.13 -27.99
N ALA B 263 -3.30 -24.44 -28.02
CA ALA B 263 -3.83 -25.47 -28.91
C ALA B 263 -5.16 -25.01 -29.47
N VAL B 264 -5.48 -25.52 -30.66
CA VAL B 264 -6.75 -25.27 -31.33
C VAL B 264 -7.56 -26.55 -31.28
N PHE B 265 -8.80 -26.45 -30.79
CA PHE B 265 -9.72 -27.58 -30.69
C PHE B 265 -10.88 -27.34 -31.64
N LYS B 266 -11.12 -28.30 -32.53
CA LYS B 266 -12.27 -28.28 -33.42
C LYS B 266 -13.28 -29.31 -32.89
N ALA B 267 -14.46 -28.81 -32.52
CA ALA B 267 -15.45 -29.66 -31.84
C ALA B 267 -15.94 -30.79 -32.74
N THR B 268 -16.27 -30.47 -33.99
CA THR B 268 -16.76 -31.46 -34.96
C THR B 268 -15.66 -31.94 -35.90
N GLY B 269 -14.44 -32.08 -35.39
CA GLY B 269 -13.30 -32.44 -36.21
C GLY B 269 -13.29 -33.87 -36.71
N ASN B 270 -13.14 -34.83 -35.79
CA ASN B 270 -12.98 -36.23 -36.16
C ASN B 270 -14.33 -36.93 -36.22
N GLY B 271 -15.17 -36.49 -37.16
CA GLY B 271 -16.50 -37.04 -37.30
C GLY B 271 -17.35 -36.84 -36.05
N ASP B 272 -17.37 -35.61 -35.56
CA ASP B 272 -18.11 -35.22 -34.36
C ASP B 272 -17.47 -35.79 -33.09
N LYS B 273 -16.16 -36.00 -33.10
CA LYS B 273 -15.43 -36.48 -31.93
C LYS B 273 -14.43 -35.49 -31.38
N GLY B 274 -14.25 -34.34 -32.03
CA GLY B 274 -13.27 -33.36 -31.60
C GLY B 274 -11.85 -33.68 -31.96
N GLU B 275 -11.07 -32.66 -32.34
CA GLU B 275 -9.68 -32.83 -32.71
C GLU B 275 -8.89 -31.67 -32.13
N LEU B 276 -7.65 -31.95 -31.72
CA LEU B 276 -6.81 -30.96 -31.06
C LEU B 276 -5.46 -30.90 -31.75
N TYR B 277 -5.02 -29.68 -32.07
CA TYR B 277 -3.74 -29.46 -32.72
C TYR B 277 -2.98 -28.34 -32.01
N TYR B 278 -1.73 -28.61 -31.63
CA TYR B 278 -0.93 -27.56 -31.02
C TYR B 278 -0.54 -26.51 -32.04
N VAL B 279 -0.51 -25.24 -31.59
CA VAL B 279 -0.24 -24.12 -32.47
C VAL B 279 1.24 -24.04 -32.79
N ASP B 280 1.56 -23.72 -34.05
CA ASP B 280 2.94 -23.55 -34.50
C ASP B 280 3.23 -22.08 -34.76
N GLY B 281 4.49 -21.70 -34.55
CA GLY B 281 4.95 -20.34 -34.79
C GLY B 281 5.13 -19.51 -33.55
N LEU B 282 4.59 -19.94 -32.41
CA LEU B 282 4.77 -19.23 -31.16
C LEU B 282 6.17 -19.46 -30.61
N PRO B 283 6.65 -18.58 -29.72
CA PRO B 283 7.94 -18.84 -29.08
C PRO B 283 7.88 -20.09 -28.21
N GLU B 284 9.05 -20.66 -27.95
CA GLU B 284 9.14 -21.90 -27.19
C GLU B 284 8.59 -21.71 -25.78
N PRO B 285 8.02 -22.77 -25.19
CA PRO B 285 7.40 -22.61 -23.86
C PRO B 285 8.33 -22.10 -22.79
N ASP B 286 9.63 -22.42 -22.88
CA ASP B 286 10.59 -21.90 -21.93
C ASP B 286 10.85 -20.41 -22.13
N ARG B 287 10.52 -19.86 -23.29
CA ARG B 287 10.77 -18.46 -23.61
C ARG B 287 9.51 -17.60 -23.55
N ILE B 288 8.52 -18.03 -22.77
CA ILE B 288 7.24 -17.33 -22.64
C ILE B 288 7.03 -17.00 -21.17
N SER B 289 6.69 -15.74 -20.88
CA SER B 289 6.40 -15.32 -19.52
C SER B 289 4.90 -15.36 -19.19
N SER B 290 4.05 -14.93 -20.11
CA SER B 290 2.60 -14.97 -19.92
C SER B 290 1.93 -14.63 -21.24
N PHE B 291 0.64 -14.93 -21.33
CA PHE B 291 -0.21 -14.51 -22.43
C PHE B 291 -1.20 -13.45 -21.96
N SER B 292 -1.83 -12.81 -22.93
CA SER B 292 -2.87 -11.84 -22.62
C SER B 292 -4.12 -12.55 -22.09
N GLY B 293 -4.89 -11.82 -21.27
CA GLY B 293 -6.06 -12.43 -20.65
C GLY B 293 -7.14 -12.79 -21.64
N THR B 294 -7.44 -11.89 -22.57
CA THR B 294 -8.55 -12.07 -23.51
C THR B 294 -8.06 -11.80 -24.93
N PRO B 295 -8.07 -12.80 -25.82
CA PRO B 295 -7.71 -12.55 -27.21
C PRO B 295 -8.83 -11.82 -27.94
N PHE B 296 -8.48 -11.30 -29.11
CA PHE B 296 -9.41 -10.54 -29.95
C PHE B 296 -9.71 -11.34 -31.21
N CYS B 297 -10.98 -11.69 -31.40
CA CYS B 297 -11.40 -12.52 -32.52
C CYS B 297 -11.92 -11.63 -33.65
N GLU B 298 -11.41 -11.87 -34.86
CA GLU B 298 -11.79 -11.02 -35.99
C GLU B 298 -11.43 -11.73 -37.29
N ASN B 299 -12.34 -11.63 -38.27
CA ASN B 299 -12.12 -12.15 -39.62
C ASN B 299 -11.73 -13.63 -39.61
N GLY B 300 -12.28 -14.39 -38.67
CA GLY B 300 -11.99 -15.81 -38.60
C GLY B 300 -10.62 -16.16 -38.08
N VAL B 301 -9.92 -15.22 -37.43
CA VAL B 301 -8.65 -15.51 -36.79
C VAL B 301 -8.67 -14.89 -35.40
N ALA B 302 -7.62 -15.17 -34.63
CA ALA B 302 -7.48 -14.66 -33.27
C ALA B 302 -6.22 -13.81 -33.15
N TYR B 303 -6.25 -12.87 -32.20
CA TYR B 303 -5.11 -12.00 -31.90
C TYR B 303 -4.81 -12.12 -30.42
N VAL B 304 -3.58 -12.55 -30.10
CA VAL B 304 -3.19 -12.87 -28.74
C VAL B 304 -1.95 -12.08 -28.36
N GLY B 305 -1.95 -11.50 -27.17
CA GLY B 305 -0.78 -10.80 -26.67
C GLY B 305 0.20 -11.75 -26.02
N VAL B 306 1.44 -11.72 -26.48
CA VAL B 306 2.49 -12.63 -26.02
C VAL B 306 3.63 -11.81 -25.43
N ILE B 307 4.03 -12.16 -24.21
CA ILE B 307 5.12 -11.53 -23.48
C ILE B 307 6.26 -12.55 -23.41
N PRO B 308 7.40 -12.29 -24.04
CA PRO B 308 8.52 -13.25 -24.00
C PRO B 308 9.54 -12.96 -22.93
N ILE B 309 10.30 -14.00 -22.56
CA ILE B 309 11.52 -13.84 -21.77
C ILE B 309 12.68 -13.63 -22.72
N THR B 310 13.42 -12.55 -22.53
CA THR B 310 14.41 -12.09 -23.51
C THR B 310 15.79 -12.58 -23.10
N ALA B 311 16.45 -13.30 -24.01
CA ALA B 311 17.80 -13.77 -23.75
C ALA B 311 18.75 -12.58 -23.61
N ASP B 312 19.76 -12.76 -22.75
CA ASP B 312 20.77 -11.72 -22.56
C ASP B 312 21.46 -11.43 -23.89
N GLY B 313 21.20 -10.25 -24.46
CA GLY B 313 21.73 -9.87 -25.75
C GLY B 313 20.68 -9.73 -26.84
N GLU B 314 19.49 -10.28 -26.63
CA GLU B 314 18.43 -10.19 -27.63
C GLU B 314 17.52 -8.98 -27.39
N THR B 315 16.53 -8.82 -28.26
CA THR B 315 15.64 -7.67 -28.24
C THR B 315 14.19 -8.09 -28.47
N ASN B 316 13.78 -9.18 -27.82
CA ASN B 316 12.41 -9.68 -27.98
C ASN B 316 11.45 -8.90 -27.10
N HIS B 317 10.53 -8.16 -27.71
CA HIS B 317 9.55 -7.35 -27.03
C HIS B 317 8.16 -7.97 -27.12
N PRO B 318 7.26 -7.65 -26.19
CA PRO B 318 5.90 -8.20 -26.26
C PRO B 318 5.22 -7.83 -27.58
N ALA B 319 4.41 -8.76 -28.09
CA ALA B 319 3.85 -8.57 -29.42
C ALA B 319 2.44 -9.14 -29.49
N ILE B 320 1.82 -8.94 -30.65
CA ILE B 320 0.49 -9.46 -30.95
C ILE B 320 0.66 -10.52 -32.03
N TYR B 321 0.24 -11.73 -31.72
CA TYR B 321 0.33 -12.86 -32.64
C TYR B 321 -1.03 -13.16 -33.22
N LYS B 322 -1.09 -13.30 -34.54
CA LYS B 322 -2.31 -13.72 -35.21
C LYS B 322 -2.30 -15.24 -35.33
N ILE B 323 -3.33 -15.88 -34.78
CA ILE B 323 -3.47 -17.33 -34.81
C ILE B 323 -4.56 -17.67 -35.82
N ASP B 324 -4.21 -18.52 -36.79
CA ASP B 324 -5.14 -19.06 -37.77
C ASP B 324 -5.50 -20.47 -37.35
N PRO B 325 -6.79 -20.76 -37.12
CA PRO B 325 -7.19 -22.05 -36.55
C PRO B 325 -7.22 -23.18 -37.55
N VAL B 326 -7.43 -22.86 -38.82
CA VAL B 326 -7.50 -23.90 -39.85
C VAL B 326 -6.15 -24.57 -40.01
N THR B 327 -5.08 -23.79 -40.11
CA THR B 327 -3.72 -24.31 -40.17
C THR B 327 -3.05 -24.33 -38.79
N HIS B 328 -3.78 -23.92 -37.75
CA HIS B 328 -3.28 -23.85 -36.37
C HIS B 328 -1.86 -23.27 -36.32
N THR B 329 -1.70 -22.08 -36.92
CA THR B 329 -0.39 -21.46 -36.97
C THR B 329 -0.45 -20.02 -36.46
N ALA B 330 0.68 -19.55 -35.94
CA ALA B 330 0.77 -18.22 -35.37
C ALA B 330 1.80 -17.40 -36.13
N THR B 331 1.51 -16.10 -36.26
CA THR B 331 2.38 -15.17 -36.96
C THR B 331 2.55 -13.90 -36.12
N LYS B 332 3.79 -13.48 -35.93
CA LYS B 332 4.08 -12.29 -35.14
C LYS B 332 3.65 -11.03 -35.89
N GLY B 333 2.99 -10.13 -35.17
CA GLY B 333 2.49 -8.91 -35.78
C GLY B 333 2.97 -7.64 -35.11
N LEU B 334 2.04 -6.85 -34.56
CA LEU B 334 2.39 -5.58 -33.96
C LEU B 334 3.26 -5.77 -32.72
N THR B 335 4.27 -4.92 -32.57
CA THR B 335 5.14 -4.94 -31.41
C THR B 335 4.63 -3.94 -30.38
N VAL B 336 4.59 -4.37 -29.12
CA VAL B 336 4.16 -3.53 -28.00
C VAL B 336 5.34 -3.36 -27.06
N ASN B 337 5.75 -2.12 -26.82
CA ASN B 337 6.92 -1.84 -25.97
C ASN B 337 6.40 -1.48 -24.59
N ALA B 338 6.06 -2.50 -23.82
CA ALA B 338 5.59 -2.34 -22.44
C ALA B 338 5.84 -3.65 -21.70
N THR B 339 5.45 -3.68 -20.44
CA THR B 339 5.63 -4.85 -19.60
C THR B 339 4.40 -5.76 -19.52
N GLY B 340 3.27 -5.34 -20.09
CA GLY B 340 2.08 -6.16 -20.06
C GLY B 340 1.05 -5.67 -21.05
N ILE B 341 0.15 -6.58 -21.42
CA ILE B 341 -0.95 -6.29 -22.33
C ILE B 341 -2.24 -6.68 -21.64
N THR B 342 -3.21 -5.75 -21.59
CA THR B 342 -4.45 -5.99 -20.87
C THR B 342 -5.69 -6.08 -21.75
N ALA B 343 -5.69 -5.48 -22.93
CA ALA B 343 -6.86 -5.55 -23.79
C ALA B 343 -6.46 -5.26 -25.23
N ILE B 344 -7.17 -5.91 -26.15
CA ILE B 344 -7.03 -5.67 -27.59
C ILE B 344 -8.43 -5.56 -28.17
N GLY B 345 -8.67 -4.52 -28.95
CA GLY B 345 -9.98 -4.37 -29.53
C GLY B 345 -10.02 -3.28 -30.57
N ARG B 346 -11.24 -2.87 -30.90
CA ARG B 346 -11.51 -1.80 -31.86
C ARG B 346 -12.45 -0.76 -31.27
N LEU B 347 -12.27 0.47 -31.71
CA LEU B 347 -13.18 1.54 -31.35
C LEU B 347 -13.47 2.37 -32.59
N ALA B 348 -14.74 2.71 -32.81
CA ALA B 348 -15.15 3.46 -33.98
C ALA B 348 -16.14 4.54 -33.59
N LYS B 349 -16.12 5.64 -34.35
CA LYS B 349 -17.03 6.76 -34.13
C LYS B 349 -17.08 7.60 -35.40
N ASP B 350 -18.25 7.61 -36.05
CA ASP B 350 -18.60 8.57 -37.10
C ASP B 350 -17.48 8.75 -38.11
N SER B 351 -17.23 7.67 -38.85
CA SER B 351 -16.27 7.57 -39.97
C SER B 351 -14.83 7.44 -39.49
N HIS B 352 -14.59 7.33 -38.20
CA HIS B 352 -13.26 7.02 -37.68
C HIS B 352 -13.27 5.64 -37.05
N SER B 353 -12.15 4.94 -37.15
CA SER B 353 -12.02 3.62 -36.54
C SER B 353 -10.55 3.34 -36.28
N THR B 354 -10.26 2.66 -35.17
CA THR B 354 -8.88 2.37 -34.83
C THR B 354 -8.81 1.19 -33.88
N TYR B 355 -7.74 0.41 -34.00
CA TYR B 355 -7.44 -0.64 -33.06
C TYR B 355 -6.90 -0.02 -31.77
N VAL B 356 -7.27 -0.58 -30.64
CA VAL B 356 -6.81 -0.09 -29.34
C VAL B 356 -6.15 -1.25 -28.60
N VAL B 357 -4.93 -1.00 -28.12
CA VAL B 357 -4.18 -1.94 -27.29
C VAL B 357 -3.94 -1.27 -25.94
N SER B 358 -4.33 -1.97 -24.87
CA SER B 358 -4.16 -1.46 -23.51
C SER B 358 -2.90 -2.10 -22.94
N ALA B 359 -1.82 -1.33 -22.90
CA ALA B 359 -0.53 -1.81 -22.44
C ALA B 359 -0.27 -1.37 -21.00
N THR B 360 0.53 -2.15 -20.29
CA THR B 360 0.78 -1.92 -18.87
C THR B 360 2.26 -1.74 -18.62
N VAL B 361 2.61 -0.75 -17.80
CA VAL B 361 4.00 -0.49 -17.44
C VAL B 361 4.11 -0.53 -15.93
N THR B 362 5.01 -1.38 -15.42
CA THR B 362 5.29 -1.52 -14.00
C THR B 362 6.74 -1.15 -13.73
N SER B 363 6.95 -0.24 -12.79
CA SER B 363 8.28 0.18 -12.40
C SER B 363 8.18 0.91 -11.07
N ALA B 364 9.26 0.87 -10.29
CA ALA B 364 9.32 1.49 -8.97
C ALA B 364 8.25 0.95 -8.03
N ASN B 365 7.82 -0.29 -8.25
CA ASN B 365 6.74 -0.92 -7.49
C ASN B 365 5.45 -0.11 -7.65
N SER B 366 5.26 0.47 -8.83
CA SER B 366 4.03 1.18 -9.18
C SER B 366 3.67 0.86 -10.63
N THR B 367 2.37 0.77 -10.90
CA THR B 367 1.88 0.26 -12.18
C THR B 367 0.88 1.23 -12.79
N ALA B 368 1.00 1.44 -14.09
CA ALA B 368 0.10 2.33 -14.83
C ALA B 368 -0.32 1.66 -16.13
N ASN B 369 -1.48 2.08 -16.65
CA ASN B 369 -2.04 1.51 -17.87
C ASN B 369 -2.15 2.61 -18.92
N TYR B 370 -1.98 2.23 -20.18
CA TYR B 370 -1.94 3.19 -21.28
C TYR B 370 -2.71 2.63 -22.46
N LEU B 371 -3.67 3.39 -22.95
CA LEU B 371 -4.42 3.03 -24.15
C LEU B 371 -3.68 3.57 -25.36
N LEU B 372 -3.32 2.69 -26.29
CA LEU B 372 -2.53 3.03 -27.46
C LEU B 372 -3.35 2.74 -28.71
N ALA B 373 -3.48 3.73 -29.58
CA ALA B 373 -4.26 3.61 -30.81
C ALA B 373 -3.34 3.27 -31.97
N THR B 374 -3.80 2.35 -32.82
CA THR B 374 -3.05 1.91 -33.98
C THR B 374 -4.01 1.63 -35.12
N SER B 375 -3.45 1.53 -36.33
CA SER B 375 -4.23 1.25 -37.52
C SER B 375 -4.14 -0.20 -37.97
N THR B 376 -3.27 -0.99 -37.34
CA THR B 376 -3.11 -2.39 -37.69
C THR B 376 -2.58 -3.14 -36.49
N LEU B 377 -2.89 -4.44 -36.44
CA LEU B 377 -2.38 -5.34 -35.41
C LEU B 377 -1.43 -6.38 -36.01
N GLU B 378 -0.85 -6.08 -37.17
CA GLU B 378 -0.10 -7.05 -37.95
C GLU B 378 1.29 -6.56 -38.36
N SER B 379 1.59 -5.27 -38.19
CA SER B 379 2.92 -4.74 -38.46
C SER B 379 3.11 -3.47 -37.62
N GLY B 380 4.36 -3.04 -37.52
CA GLY B 380 4.66 -1.82 -36.81
C GLY B 380 4.95 -2.04 -35.34
N SER B 381 5.08 -0.93 -34.62
CA SER B 381 5.36 -0.94 -33.20
C SER B 381 4.63 0.22 -32.54
N VAL B 382 4.31 0.03 -31.25
CA VAL B 382 3.65 1.05 -30.45
C VAL B 382 4.21 1.00 -29.03
N THR B 383 4.37 2.18 -28.43
CA THR B 383 4.95 2.31 -27.10
C THR B 383 4.29 3.48 -26.38
N PRO B 384 4.24 3.45 -25.05
CA PRO B 384 3.85 4.64 -24.29
C PRO B 384 5.01 5.59 -24.02
N GLY B 385 6.22 5.26 -24.46
CA GLY B 385 7.35 6.13 -24.22
C GLY B 385 7.26 7.42 -25.03
N ASN B 386 8.10 8.38 -24.64
CA ASN B 386 8.11 9.72 -25.22
C ASN B 386 6.75 10.39 -25.07
N ASN B 387 6.07 10.12 -23.96
CA ASN B 387 4.78 10.73 -23.62
C ASN B 387 3.73 10.45 -24.71
N ASN B 388 3.40 9.17 -24.84
CA ASN B 388 2.41 8.71 -25.80
C ASN B 388 1.39 7.81 -25.10
N GLY B 389 0.15 7.87 -25.56
CA GLY B 389 -0.90 7.02 -25.06
C GLY B 389 -1.77 7.72 -24.03
N PHE B 390 -2.93 7.12 -23.77
CA PHE B 390 -3.89 7.65 -22.81
C PHE B 390 -3.63 6.98 -21.46
N GLU B 391 -3.20 7.77 -20.48
CA GLU B 391 -2.78 7.24 -19.18
C GLU B 391 -3.97 7.09 -18.24
N THR B 392 -4.12 5.89 -17.69
CA THR B 392 -5.10 5.60 -16.65
C THR B 392 -4.46 4.70 -15.60
N ALA B 393 -5.19 4.52 -14.50
CA ALA B 393 -4.80 3.55 -13.49
C ALA B 393 -5.19 2.14 -13.95
N THR B 394 -4.58 1.15 -13.32
CA THR B 394 -4.88 -0.24 -13.64
C THR B 394 -6.27 -0.61 -13.17
N GLY B 395 -6.98 -1.39 -13.99
CA GLY B 395 -8.31 -1.85 -13.65
C GLY B 395 -8.37 -3.35 -13.46
N THR B 396 -9.37 -3.83 -12.72
CA THR B 396 -9.49 -5.26 -12.48
C THR B 396 -9.85 -6.00 -13.76
N ALA B 397 -10.72 -5.42 -14.58
CA ALA B 397 -11.07 -6.04 -15.85
C ALA B 397 -11.18 -4.97 -16.94
N TRP B 398 -11.02 -5.42 -18.19
CA TRP B 398 -11.21 -4.57 -19.35
C TRP B 398 -12.11 -5.29 -20.33
N ILE B 399 -13.15 -4.62 -20.81
CA ILE B 399 -14.14 -5.27 -21.66
C ILE B 399 -14.62 -4.29 -22.73
N PHE B 400 -14.48 -4.68 -23.99
CA PHE B 400 -14.98 -3.87 -25.09
C PHE B 400 -16.46 -4.17 -25.33
N TYR B 401 -17.27 -3.12 -25.44
CA TYR B 401 -18.65 -3.24 -25.85
C TYR B 401 -18.67 -2.93 -27.35
N LYS B 402 -18.81 -3.98 -28.15
CA LYS B 402 -18.77 -3.96 -29.61
C LYS B 402 -17.54 -3.15 -30.03
N ASP B 403 -17.65 -2.26 -31.02
CA ASP B 403 -16.63 -1.26 -31.29
C ASP B 403 -17.10 0.11 -30.83
N GLN B 404 -17.99 0.15 -29.84
CA GLN B 404 -18.56 1.38 -29.30
C GLN B 404 -17.82 1.88 -28.07
N TYR B 405 -17.55 1.02 -27.09
CA TYR B 405 -16.94 1.50 -25.85
C TYR B 405 -15.90 0.51 -25.34
N LEU B 406 -15.08 0.99 -24.41
CA LEU B 406 -14.14 0.16 -23.66
C LEU B 406 -14.30 0.46 -22.18
N TYR B 407 -14.68 -0.54 -21.40
CA TYR B 407 -14.98 -0.38 -19.98
C TYR B 407 -13.85 -0.93 -19.13
N ARG B 408 -13.38 -0.10 -18.19
CA ARG B 408 -12.43 -0.48 -17.16
C ARG B 408 -13.19 -0.73 -15.88
N LEU B 409 -13.25 -1.99 -15.46
CA LEU B 409 -14.03 -2.44 -14.31
C LEU B 409 -13.11 -2.54 -13.10
N GLN B 410 -13.50 -1.87 -12.02
CA GLN B 410 -12.70 -1.81 -10.79
C GLN B 410 -13.62 -1.49 -9.62
N TYR B 411 -13.42 -2.21 -8.51
CA TYR B 411 -14.27 -2.02 -7.33
C TYR B 411 -13.64 -1.01 -6.36
N ASN B 412 -14.29 -0.85 -5.21
CA ASN B 412 -13.97 0.16 -4.20
C ASN B 412 -12.48 0.30 -3.87
N GLN B 413 -11.73 -0.80 -3.94
CA GLN B 413 -10.35 -0.79 -3.51
C GLN B 413 -9.41 -0.48 -4.68
N GLY B 414 -8.18 -0.13 -4.34
CA GLY B 414 -7.14 0.13 -5.33
C GLY B 414 -6.81 1.61 -5.41
N ASN B 415 -5.94 1.92 -6.38
CA ASN B 415 -5.48 3.29 -6.58
C ASN B 415 -6.64 4.20 -6.95
N GLU B 416 -7.54 3.72 -7.80
CA GLU B 416 -8.73 4.46 -8.22
C GLU B 416 -9.90 3.48 -8.24
N GLY B 417 -10.68 3.49 -7.17
CA GLY B 417 -11.74 2.51 -7.01
C GLY B 417 -13.05 2.89 -7.66
N VAL B 418 -13.03 3.20 -8.95
CA VAL B 418 -14.23 3.50 -9.72
C VAL B 418 -14.17 2.75 -11.05
N THR B 419 -15.34 2.57 -11.64
CA THR B 419 -15.46 1.94 -12.96
C THR B 419 -15.59 3.02 -14.01
N THR B 420 -14.72 2.98 -15.02
CA THR B 420 -14.66 4.02 -16.03
C THR B 420 -14.93 3.45 -17.41
N ALA B 421 -15.12 4.35 -18.38
CA ALA B 421 -15.40 3.95 -19.75
C ALA B 421 -14.77 4.93 -20.70
N TYR B 422 -14.46 4.46 -21.91
CA TYR B 422 -13.75 5.23 -22.90
C TYR B 422 -14.33 4.97 -24.28
N GLU B 423 -14.20 5.97 -25.15
CA GLU B 423 -14.75 5.96 -26.50
C GLU B 423 -13.84 6.77 -27.40
N LEU B 424 -14.27 6.99 -28.64
CA LEU B 424 -13.62 7.91 -29.55
C LEU B 424 -14.43 9.18 -29.67
N ASN B 425 -13.77 10.33 -29.50
CA ASN B 425 -14.40 11.61 -29.76
C ASN B 425 -14.62 11.80 -31.26
N THR B 426 -15.21 12.94 -31.61
CA THR B 426 -15.69 13.14 -32.98
C THR B 426 -14.54 13.23 -33.99
N ASN B 427 -13.34 13.63 -33.57
CA ASN B 427 -12.23 13.81 -34.50
C ASN B 427 -11.19 12.70 -34.42
N GLY B 428 -11.56 11.55 -33.85
CA GLY B 428 -10.73 10.37 -33.91
C GLY B 428 -9.88 10.08 -32.69
N GLY B 429 -9.98 10.88 -31.63
CA GLY B 429 -9.17 10.70 -30.45
C GLY B 429 -9.92 9.95 -29.35
N ILE B 430 -9.14 9.34 -28.46
CA ILE B 430 -9.71 8.59 -27.34
C ILE B 430 -10.12 9.57 -26.25
N ALA B 431 -11.33 9.41 -25.74
CA ALA B 431 -11.86 10.26 -24.68
C ALA B 431 -12.55 9.39 -23.65
N LYS B 432 -12.75 9.96 -22.45
CA LYS B 432 -13.39 9.25 -21.36
C LYS B 432 -14.86 9.67 -21.24
N ARG B 433 -15.72 8.68 -21.03
CA ARG B 433 -17.13 8.95 -20.81
C ARG B 433 -17.33 9.70 -19.49
N SER B 434 -18.38 10.53 -19.45
CA SER B 434 -18.58 11.43 -18.32
C SER B 434 -18.88 10.68 -17.03
N ASN B 435 -19.84 9.76 -17.08
CA ASN B 435 -20.30 9.10 -15.86
C ASN B 435 -19.28 8.08 -15.37
N GLU B 436 -19.26 7.89 -14.05
CA GLU B 436 -18.44 6.89 -13.40
C GLU B 436 -19.28 6.12 -12.39
N TYR B 437 -18.75 5.02 -11.89
CA TYR B 437 -19.56 4.10 -11.10
C TYR B 437 -18.73 3.52 -9.95
N THR B 438 -19.44 3.16 -8.88
CA THR B 438 -18.89 2.54 -7.69
C THR B 438 -19.53 1.16 -7.54
N ILE B 439 -18.76 0.11 -7.79
CA ILE B 439 -19.30 -1.24 -7.85
C ILE B 439 -18.64 -2.10 -6.77
N THR B 440 -19.35 -3.16 -6.37
CA THR B 440 -18.83 -4.12 -5.42
C THR B 440 -17.88 -5.09 -6.14
N ARG B 441 -17.08 -5.78 -5.33
CA ARG B 441 -16.15 -6.75 -5.87
C ARG B 441 -16.87 -7.84 -6.66
N PHE B 442 -16.33 -8.16 -7.84
CA PHE B 442 -16.91 -9.15 -8.74
C PHE B 442 -15.92 -10.26 -9.03
N THR B 443 -16.44 -11.46 -9.27
CA THR B 443 -15.62 -12.59 -9.68
C THR B 443 -15.92 -13.05 -11.11
N THR B 444 -17.02 -12.63 -11.70
CA THR B 444 -17.29 -12.91 -13.11
C THR B 444 -17.98 -11.71 -13.73
N TYR B 445 -17.90 -11.62 -15.06
CA TYR B 445 -18.52 -10.52 -15.78
C TYR B 445 -18.84 -10.95 -17.22
N GLY B 446 -19.74 -10.20 -17.84
CA GLY B 446 -20.14 -10.48 -19.20
C GLY B 446 -21.03 -9.38 -19.73
N ILE B 447 -21.53 -9.59 -20.93
CA ILE B 447 -22.41 -8.63 -21.61
C ILE B 447 -23.68 -9.36 -22.04
N PHE B 448 -24.83 -8.76 -21.75
CA PHE B 448 -26.09 -9.25 -22.31
C PHE B 448 -26.94 -8.05 -22.69
N GLY B 449 -27.44 -8.06 -23.93
CA GLY B 449 -28.22 -6.93 -24.40
C GLY B 449 -27.39 -5.66 -24.39
N GLU B 450 -27.92 -4.64 -23.72
CA GLU B 450 -27.23 -3.37 -23.55
C GLU B 450 -26.61 -3.23 -22.16
N ASN B 451 -26.48 -4.32 -21.41
CA ASN B 451 -26.00 -4.29 -20.04
C ASN B 451 -24.69 -5.05 -19.91
N ILE B 452 -23.77 -4.50 -19.12
CA ILE B 452 -22.58 -5.21 -18.67
C ILE B 452 -22.89 -5.72 -17.27
N ILE B 453 -22.83 -7.04 -17.08
CA ILE B 453 -23.28 -7.69 -15.87
C ILE B 453 -22.05 -8.22 -15.13
N SER B 454 -21.95 -7.90 -13.84
CA SER B 454 -20.87 -8.38 -12.99
C SER B 454 -21.47 -9.11 -11.80
N SER B 455 -20.95 -10.29 -11.49
CA SER B 455 -21.52 -11.13 -10.45
C SER B 455 -20.43 -11.67 -9.54
N SER B 456 -20.81 -11.91 -8.28
CA SER B 456 -19.92 -12.49 -7.28
C SER B 456 -20.76 -13.19 -6.22
N ALA B 457 -20.08 -13.85 -5.28
CA ALA B 457 -20.71 -14.48 -4.13
C ALA B 457 -20.35 -13.69 -2.87
N VAL B 458 -21.38 -13.35 -2.09
CA VAL B 458 -21.23 -12.42 -0.98
C VAL B 458 -21.96 -12.99 0.25
N ASP B 459 -21.71 -12.34 1.39
CA ASP B 459 -22.46 -12.58 2.60
C ASP B 459 -23.68 -11.67 2.64
N ALA B 460 -24.82 -12.22 3.05
CA ALA B 460 -26.08 -11.49 3.00
C ALA B 460 -27.01 -12.01 4.09
N THR B 461 -28.04 -11.22 4.37
CA THR B 461 -29.08 -11.57 5.32
C THR B 461 -30.41 -11.63 4.61
N PHE B 462 -31.17 -12.71 4.84
CA PHE B 462 -32.46 -12.89 4.19
C PHE B 462 -33.59 -12.95 5.22
#